data_9AU9
#
_entry.id   9AU9
#
_cell.length_a   1.00
_cell.length_b   1.00
_cell.length_c   1.00
_cell.angle_alpha   90.00
_cell.angle_beta   90.00
_cell.angle_gamma   90.00
#
_symmetry.space_group_name_H-M   'P 1'
#
loop_
_entity.id
_entity.type
_entity.pdbx_description
1 polymer 'DNA polymerase theta'
2 polymer "DNA (5'-D(P*TP*GP*AP*GP*GP*CP*AP*TP*CP*CP*GP*TP*AP*GP*(DOC))-3')"
3 polymer "DNA (5'-D(P*GP*TP*GP*CP*TP*AP*CP*GP*GP*AP*TP*GP*CP*CP*TP*CP*A)-3')"
4 non-polymer "2'-DEOXYGUANOSINE-5'-TRIPHOSPHATE"
#
loop_
_entity_poly.entity_id
_entity_poly.type
_entity_poly.pdbx_seq_one_letter_code
_entity_poly.pdbx_strand_id
1 'polypeptide(L)'
;GFKDNSPISDTSFSLQLSQDGLQLTPASSSSESLSIIDVASDQNLFQTFIKEWRCKKRFSISLACEKIRSLTSSKTATIG
SRFKQASSPQEIPIRDDGFPIKGCDDTLVVGLAVCWGGRDAYYFSLQKEQKHSEISASLVPPSLDPSLTLKDRMWYLQSC
LRKESDKECSVVIYDFIQSYKILLLSCGISLEQSYEDPKVACWLLDPDSQEPTLHSIVTSFLPHELPLLEGMETSQGIQS
LGLNAGSEHSGRYRASVESILIFNSMNQLNSLLQKENLQDVFRKVEMPSQYCLALLELNGIGFSTAECESQKHIMQAKLD
AIETQAYQLAGHSFSFTSSDDIAEVLFLELKLPPNREMKNQGSKKTLGSTRRGIDNGRKLRLGRQFSTSKDVLNKLKALH
PLPGLILEWRRITNAITKVVFPLQREKCLNPFLGMERIYPVSQSHTATGRITFTEPNIQNVPRDFEIKMPTLVGESPPSQ
AVGKGLLPMGRGKYKKGFSVNPRCQAQMEERAADRGMPFSISMRHAFVPFPGGSILAADYSQLELRILAHLSHDRRLIQV
LNTGADVFRSIAAEWKMIEPESVGDDLRQQAKQICYGIIYGMGAKSLGEQMGIKENDAACYIDSFKSRYTGINQFMTETV
KNCKRDGFVQTILGRRRYLPGIKDNNPYRKAHAERQAINTIVQGSAADIVKIATVNIQKQLETFHSTFKSHGHREGMLQS
DQTGLSRKRKLQGMFCPIRGGFFILQLHDELLYEVAEEDVVQVAQIVKNEMESAVKLSVKLKVKVKIGASWGELKDFDV
;
A
2 'polydeoxyribonucleotide'
;(DT)(DG)(DC)(DT)(DG)(DT)(DG)(DA)(DG)(DG)(DC)(DA)(DT)(DC)(DC)(DG)(DT)(DA)(DG)
(DOC)
;
C
3 'polydeoxyribonucleotide'
;(DG)(DC)(DA)(DG)(DT)(DC)(DA)(DG)(DT)(DG)(DC)(DT)(DA)(DC)(DG)(DG)(DA)(DT)(DG)(DC)
(DC)(DT)(DC)(DA)(DC)(DA)(DG)(DC)(DA)
;
D
#
# COMPACT_ATOMS: atom_id res chain seq x y z
N SER A 33 -28.62 -28.98 -8.74
CA SER A 33 -27.77 -27.93 -8.21
C SER A 33 -26.30 -28.31 -8.29
N LEU A 34 -25.58 -28.09 -7.19
CA LEU A 34 -24.16 -28.42 -7.16
C LEU A 34 -23.95 -29.93 -7.25
N SER A 35 -22.81 -30.32 -7.81
CA SER A 35 -22.48 -31.71 -8.09
C SER A 35 -21.11 -32.05 -7.52
N ILE A 36 -20.90 -31.70 -6.24
CA ILE A 36 -19.63 -31.93 -5.58
C ILE A 36 -19.21 -33.39 -5.75
N ILE A 37 -17.99 -33.60 -6.23
CA ILE A 37 -17.43 -34.92 -6.47
C ILE A 37 -16.16 -35.05 -5.67
N ASP A 38 -16.13 -36.01 -4.75
CA ASP A 38 -14.94 -36.25 -3.93
C ASP A 38 -13.93 -37.06 -4.74
N VAL A 39 -12.77 -36.47 -4.99
CA VAL A 39 -11.75 -37.15 -5.79
C VAL A 39 -10.98 -38.18 -4.99
N ALA A 40 -11.05 -38.14 -3.66
CA ALA A 40 -10.34 -39.11 -2.84
C ALA A 40 -11.07 -40.45 -2.81
N SER A 41 -10.35 -41.46 -2.35
CA SER A 41 -10.87 -42.81 -2.13
C SER A 41 -11.21 -43.53 -3.44
N ASP A 42 -11.01 -42.85 -4.57
CA ASP A 42 -11.22 -43.44 -5.89
C ASP A 42 -9.96 -43.24 -6.72
N GLN A 43 -9.52 -44.31 -7.39
CA GLN A 43 -8.27 -44.25 -8.15
C GLN A 43 -8.52 -43.89 -9.62
N ASN A 44 -9.44 -44.59 -10.27
CA ASN A 44 -9.77 -44.26 -11.66
C ASN A 44 -10.34 -42.86 -11.76
N LEU A 45 -11.23 -42.50 -10.82
CA LEU A 45 -11.77 -41.14 -10.80
C LEU A 45 -10.65 -40.12 -10.56
N PHE A 46 -9.70 -40.46 -9.70
CA PHE A 46 -8.59 -39.53 -9.45
C PHE A 46 -7.75 -39.33 -10.71
N GLN A 47 -7.45 -40.40 -11.43
CA GLN A 47 -6.66 -40.27 -12.64
C GLN A 47 -7.42 -39.47 -13.71
N THR A 48 -8.73 -39.73 -13.84
CA THR A 48 -9.54 -38.96 -14.78
C THR A 48 -9.54 -37.48 -14.39
N PHE A 49 -9.68 -37.19 -13.10
CA PHE A 49 -9.64 -35.81 -12.64
C PHE A 49 -8.29 -35.16 -12.93
N ILE A 50 -7.20 -35.90 -12.72
CA ILE A 50 -5.87 -35.35 -12.97
C ILE A 50 -5.70 -35.00 -14.45
N LYS A 51 -6.08 -35.94 -15.33
CA LYS A 51 -5.90 -35.68 -16.75
C LYS A 51 -6.80 -34.54 -17.24
N GLU A 52 -8.04 -34.49 -16.75
CA GLU A 52 -8.94 -33.41 -17.14
C GLU A 52 -8.47 -32.06 -16.59
N TRP A 53 -7.91 -32.06 -15.38
CA TRP A 53 -7.36 -30.85 -14.80
C TRP A 53 -6.16 -30.33 -15.60
N ARG A 54 -5.28 -31.24 -16.02
CA ARG A 54 -4.14 -30.82 -16.82
C ARG A 54 -4.57 -30.35 -18.20
N CYS A 55 -5.60 -30.97 -18.78
CA CYS A 55 -6.09 -30.52 -20.08
C CYS A 55 -6.73 -29.14 -19.98
N LYS A 56 -7.45 -28.87 -18.90
CA LYS A 56 -8.15 -27.60 -18.75
C LYS A 56 -7.16 -26.46 -18.52
N LYS A 57 -7.47 -25.30 -19.08
CA LYS A 57 -6.61 -24.13 -19.00
C LYS A 57 -7.17 -23.03 -18.11
N ARG A 58 -8.18 -23.34 -17.30
CA ARG A 58 -8.77 -22.36 -16.40
C ARG A 58 -9.33 -23.09 -15.19
N PHE A 59 -8.73 -22.88 -14.02
CA PHE A 59 -9.17 -23.50 -12.78
C PHE A 59 -9.99 -22.50 -11.97
N SER A 60 -10.57 -22.97 -10.89
CA SER A 60 -11.22 -22.11 -9.89
C SER A 60 -10.91 -22.60 -8.49
N ILE A 61 -9.65 -22.95 -8.23
CA ILE A 61 -9.30 -23.61 -6.98
C ILE A 61 -9.56 -22.68 -5.80
N SER A 62 -10.14 -23.24 -4.74
CA SER A 62 -10.43 -22.50 -3.52
C SER A 62 -10.04 -23.33 -2.31
N LEU A 63 -9.60 -22.63 -1.26
CA LEU A 63 -9.15 -23.30 -0.04
C LEU A 63 -10.36 -23.73 0.80
N ALA A 64 -10.07 -24.38 1.93
CA ALA A 64 -11.11 -24.80 2.85
C ALA A 64 -10.49 -24.92 4.24
N CYS A 65 -10.86 -24.04 5.15
CA CYS A 65 -10.33 -24.03 6.51
C CYS A 65 -11.44 -24.36 7.49
N GLU A 66 -11.09 -25.14 8.51
CA GLU A 66 -12.05 -25.60 9.51
C GLU A 66 -11.44 -25.44 10.90
N LYS A 67 -12.29 -25.64 11.90
CA LYS A 67 -11.88 -25.60 13.30
C LYS A 67 -11.48 -26.99 13.79
N ILE A 68 -10.73 -27.01 14.88
CA ILE A 68 -10.33 -28.26 15.53
C ILE A 68 -11.26 -28.63 16.68
N ARG A 69 -12.40 -27.95 16.79
CA ARG A 69 -13.35 -28.21 17.87
C ARG A 69 -14.03 -29.57 17.63
N SER A 70 -13.61 -30.58 18.39
CA SER A 70 -14.19 -31.91 18.26
C SER A 70 -15.44 -32.05 19.13
N ILE A 94 -4.29 -32.63 15.73
CA ILE A 94 -3.23 -32.02 14.94
C ILE A 94 -2.43 -33.12 14.23
N ARG A 95 -1.80 -32.75 13.12
CA ARG A 95 -0.94 -33.59 12.30
C ARG A 95 -1.69 -34.73 11.62
N ASP A 96 -3.01 -34.83 11.81
CA ASP A 96 -3.83 -35.82 11.13
C ASP A 96 -4.94 -35.20 10.30
N ASP A 97 -5.63 -34.20 10.82
CA ASP A 97 -6.75 -33.59 10.12
C ASP A 97 -6.33 -32.59 9.06
N GLY A 98 -5.07 -32.14 9.07
CA GLY A 98 -4.61 -31.19 8.08
C GLY A 98 -3.32 -30.53 8.53
N PHE A 99 -3.03 -29.39 7.91
CA PHE A 99 -1.83 -28.63 8.18
C PHE A 99 -2.13 -27.42 9.05
N PRO A 100 -1.29 -27.14 10.04
CA PRO A 100 -1.51 -25.96 10.89
C PRO A 100 -1.29 -24.67 10.11
N ILE A 101 -1.93 -23.61 10.57
CA ILE A 101 -1.89 -22.30 9.93
C ILE A 101 -1.21 -21.32 10.87
N LYS A 102 -0.26 -20.55 10.32
CA LYS A 102 0.40 -19.52 11.11
C LYS A 102 -0.59 -18.43 11.50
N GLY A 103 -0.51 -18.00 12.76
CA GLY A 103 -1.35 -16.95 13.29
C GLY A 103 -2.58 -17.44 14.04
N CYS A 104 -3.02 -18.67 13.79
CA CYS A 104 -4.17 -19.24 14.47
C CYS A 104 -3.95 -20.73 14.59
N ASP A 105 -3.63 -21.19 15.80
CA ASP A 105 -3.42 -22.62 16.03
C ASP A 105 -4.70 -23.41 16.15
N ASP A 106 -5.86 -22.73 16.19
CA ASP A 106 -7.15 -23.40 16.33
C ASP A 106 -7.80 -23.70 15.00
N THR A 107 -7.13 -23.42 13.88
CA THR A 107 -7.69 -23.64 12.55
C THR A 107 -6.76 -24.52 11.74
N LEU A 108 -7.36 -25.30 10.83
CA LEU A 108 -6.62 -26.19 9.95
C LEU A 108 -7.13 -26.04 8.53
N VAL A 109 -6.30 -26.47 7.58
CA VAL A 109 -6.66 -26.53 6.17
C VAL A 109 -6.88 -27.99 5.81
N VAL A 110 -8.04 -28.29 5.22
CA VAL A 110 -8.45 -29.67 4.95
C VAL A 110 -8.34 -30.00 3.46
N GLY A 111 -8.98 -29.22 2.61
CA GLY A 111 -8.98 -29.54 1.19
C GLY A 111 -9.16 -28.36 0.26
N LEU A 112 -9.33 -28.66 -1.03
CA LEU A 112 -9.49 -27.66 -2.06
C LEU A 112 -10.73 -28.00 -2.89
N ALA A 113 -11.29 -26.97 -3.52
CA ALA A 113 -12.42 -27.14 -4.43
C ALA A 113 -12.04 -26.59 -5.79
N VAL A 114 -12.05 -27.44 -6.81
CA VAL A 114 -11.63 -27.09 -8.16
C VAL A 114 -12.84 -27.19 -9.08
N CYS A 115 -13.17 -26.10 -9.77
CA CYS A 115 -14.28 -26.06 -10.70
C CYS A 115 -13.79 -25.50 -12.03
N TRP A 116 -14.28 -26.08 -13.13
CA TRP A 116 -13.92 -25.59 -14.45
C TRP A 116 -15.13 -25.56 -15.39
N GLY A 117 -16.31 -25.30 -14.86
CA GLY A 117 -17.51 -25.16 -15.68
C GLY A 117 -18.74 -25.73 -15.03
N GLY A 118 -19.89 -25.10 -15.31
CA GLY A 118 -21.16 -25.57 -14.78
C GLY A 118 -21.23 -25.41 -13.27
N ARG A 119 -22.02 -26.30 -12.64
CA ARG A 119 -22.18 -26.33 -11.19
C ARG A 119 -21.53 -27.58 -10.60
N ASP A 120 -20.42 -28.00 -11.19
CA ASP A 120 -19.64 -29.13 -10.69
C ASP A 120 -18.40 -28.61 -10.00
N ALA A 121 -18.18 -29.04 -8.75
CA ALA A 121 -17.07 -28.57 -7.93
C ALA A 121 -16.34 -29.78 -7.35
N TYR A 122 -15.31 -30.24 -8.04
CA TYR A 122 -14.51 -31.34 -7.55
C TYR A 122 -13.79 -30.94 -6.27
N TYR A 123 -13.75 -31.85 -5.30
CA TYR A 123 -13.17 -31.58 -3.99
C TYR A 123 -11.93 -32.44 -3.81
N PHE A 124 -10.76 -31.82 -3.97
CA PHE A 124 -9.51 -32.47 -3.64
C PHE A 124 -9.33 -32.45 -2.13
N SER A 125 -8.78 -33.54 -1.59
CA SER A 125 -8.62 -33.68 -0.15
C SER A 125 -7.14 -33.82 0.20
N LEU A 126 -6.68 -32.97 1.13
CA LEU A 126 -5.36 -33.09 1.70
C LEU A 126 -5.38 -33.79 3.05
N GLN A 127 -6.53 -34.33 3.44
CA GLN A 127 -6.66 -35.01 4.73
C GLN A 127 -5.95 -36.35 4.71
N LYS A 128 -5.46 -36.76 5.88
CA LYS A 128 -4.78 -38.05 6.00
C LYS A 128 -5.75 -39.21 5.75
N GLU A 129 -7.04 -39.00 5.99
CA GLU A 129 -8.04 -40.04 5.80
C GLU A 129 -8.06 -40.55 4.36
N PRO A 146 -7.17 -46.28 0.38
CA PRO A 146 -5.82 -45.82 0.75
C PRO A 146 -4.80 -46.10 -0.35
N SER A 147 -5.26 -46.29 -1.58
CA SER A 147 -4.35 -46.47 -2.70
C SER A 147 -3.49 -45.24 -2.92
N LEU A 148 -4.08 -44.06 -2.77
CA LEU A 148 -3.35 -42.80 -2.90
C LEU A 148 -3.04 -42.28 -1.50
N THR A 149 -1.75 -42.14 -1.21
CA THR A 149 -1.31 -41.61 0.07
C THR A 149 -1.23 -40.10 0.02
N LEU A 150 -0.92 -39.49 1.17
CA LEU A 150 -0.83 -38.03 1.23
C LEU A 150 0.32 -37.52 0.36
N LYS A 151 1.44 -38.23 0.33
CA LYS A 151 2.61 -37.77 -0.40
C LYS A 151 2.34 -37.71 -1.91
N ASP A 152 1.73 -38.77 -2.46
CA ASP A 152 1.48 -38.79 -3.90
C ASP A 152 0.40 -37.78 -4.29
N ARG A 153 -0.61 -37.61 -3.45
CA ARG A 153 -1.62 -36.60 -3.71
C ARG A 153 -1.02 -35.20 -3.71
N MET A 154 -0.13 -34.92 -2.74
CA MET A 154 0.56 -33.64 -2.72
C MET A 154 1.45 -33.47 -3.96
N TRP A 155 2.12 -34.54 -4.38
CA TRP A 155 2.96 -34.46 -5.57
C TRP A 155 2.14 -34.10 -6.81
N TYR A 156 1.01 -34.79 -6.99
CA TYR A 156 0.15 -34.50 -8.15
C TYR A 156 -0.43 -33.10 -8.06
N LEU A 157 -0.83 -32.67 -6.86
CA LEU A 157 -1.38 -31.33 -6.69
C LEU A 157 -0.36 -30.26 -7.03
N GLN A 158 0.89 -30.45 -6.60
CA GLN A 158 1.94 -29.50 -6.93
C GLN A 158 2.27 -29.52 -8.42
N SER A 159 2.30 -30.71 -9.03
CA SER A 159 2.62 -30.81 -10.44
C SER A 159 1.57 -30.13 -11.30
N CYS A 160 0.29 -30.28 -10.95
CA CYS A 160 -0.78 -29.69 -11.73
C CYS A 160 -0.85 -28.17 -11.59
N LEU A 161 -0.14 -27.58 -10.63
CA LEU A 161 -0.20 -26.15 -10.37
C LEU A 161 1.06 -25.41 -10.76
N ARG A 162 1.85 -25.96 -11.68
CA ARG A 162 3.08 -25.33 -12.14
C ARG A 162 3.05 -25.18 -13.66
N LYS A 163 3.70 -24.13 -14.15
CA LYS A 163 3.76 -23.88 -15.58
C LYS A 163 4.92 -24.66 -16.20
N GLU A 164 4.61 -25.46 -17.20
CA GLU A 164 5.59 -26.32 -17.85
C GLU A 164 5.30 -26.38 -19.34
N SER A 165 6.31 -26.07 -20.15
CA SER A 165 6.21 -26.07 -21.61
C SER A 165 5.10 -25.13 -22.08
N ASP A 166 5.29 -23.84 -21.78
CA ASP A 166 4.38 -22.76 -22.17
C ASP A 166 2.92 -23.09 -21.90
N LYS A 167 2.66 -23.87 -20.86
CA LYS A 167 1.29 -24.23 -20.49
C LYS A 167 0.57 -22.98 -20.00
N GLU A 168 -0.43 -22.54 -20.76
CA GLU A 168 -1.19 -21.34 -20.42
C GLU A 168 -2.38 -21.72 -19.56
N CYS A 169 -2.40 -21.24 -18.32
CA CYS A 169 -3.51 -21.47 -17.41
C CYS A 169 -3.87 -20.17 -16.73
N SER A 170 -5.11 -20.09 -16.26
CA SER A 170 -5.63 -18.90 -15.59
C SER A 170 -6.33 -19.33 -14.31
N VAL A 171 -5.57 -19.39 -13.22
CA VAL A 171 -6.14 -19.77 -11.92
C VAL A 171 -6.99 -18.63 -11.40
N VAL A 172 -8.20 -18.96 -10.93
CA VAL A 172 -9.13 -17.99 -10.36
C VAL A 172 -9.24 -18.25 -8.86
N ILE A 173 -8.79 -17.30 -8.06
CA ILE A 173 -8.80 -17.42 -6.60
C ILE A 173 -9.43 -16.15 -6.03
N TYR A 174 -10.28 -16.32 -5.02
CA TYR A 174 -10.82 -15.19 -4.26
C TYR A 174 -9.88 -14.90 -3.09
N ASP A 175 -9.53 -13.62 -2.93
CA ASP A 175 -8.55 -13.19 -1.93
C ASP A 175 -7.21 -13.89 -2.17
N PHE A 176 -6.61 -13.54 -3.32
CA PHE A 176 -5.47 -14.29 -3.84
C PHE A 176 -4.29 -14.29 -2.89
N ILE A 177 -3.99 -13.16 -2.26
CA ILE A 177 -2.79 -13.06 -1.42
C ILE A 177 -2.90 -14.01 -0.23
N GLN A 178 -4.06 -14.03 0.42
CA GLN A 178 -4.22 -14.87 1.61
C GLN A 178 -4.13 -16.34 1.25
N SER A 179 -4.77 -16.76 0.14
CA SER A 179 -4.69 -18.15 -0.28
C SER A 179 -3.28 -18.53 -0.66
N TYR A 180 -2.56 -17.64 -1.34
CA TYR A 180 -1.16 -17.89 -1.67
C TYR A 180 -0.33 -18.12 -0.41
N LYS A 181 -0.48 -17.24 0.58
CA LYS A 181 0.28 -17.39 1.82
C LYS A 181 -0.08 -18.67 2.55
N ILE A 182 -1.37 -19.01 2.60
CA ILE A 182 -1.79 -20.20 3.32
C ILE A 182 -1.29 -21.46 2.64
N LEU A 183 -1.36 -21.52 1.31
CA LEU A 183 -0.86 -22.69 0.59
C LEU A 183 0.65 -22.82 0.72
N LEU A 184 1.38 -21.69 0.67
CA LEU A 184 2.83 -21.79 0.71
C LEU A 184 3.36 -22.10 2.10
N LEU A 185 2.90 -21.37 3.12
CA LEU A 185 3.48 -21.52 4.45
C LEU A 185 3.04 -22.83 5.11
N SER A 186 1.79 -23.23 4.91
CA SER A 186 1.25 -24.41 5.59
C SER A 186 1.41 -25.67 4.75
N CYS A 187 0.81 -25.70 3.56
CA CYS A 187 0.85 -26.89 2.74
C CYS A 187 2.21 -27.08 2.10
N GLY A 188 2.89 -26.00 1.75
CA GLY A 188 4.16 -26.08 1.07
C GLY A 188 4.09 -26.02 -0.44
N ILE A 189 3.04 -25.45 -1.01
CA ILE A 189 2.83 -25.40 -2.45
C ILE A 189 2.79 -23.95 -2.89
N SER A 190 3.61 -23.60 -3.88
CA SER A 190 3.68 -22.25 -4.43
C SER A 190 3.16 -22.31 -5.86
N LEU A 191 1.91 -21.91 -6.05
CA LEU A 191 1.32 -21.90 -7.38
C LEU A 191 1.91 -20.75 -8.21
N GLU A 192 2.36 -21.06 -9.42
CA GLU A 192 3.03 -20.10 -10.29
C GLU A 192 2.39 -20.17 -11.68
N GLN A 193 1.35 -19.38 -11.88
CA GLN A 193 0.63 -19.32 -13.14
C GLN A 193 0.02 -17.93 -13.29
N SER A 194 -0.87 -17.77 -14.26
CA SER A 194 -1.59 -16.52 -14.43
C SER A 194 -2.78 -16.52 -13.47
N TYR A 195 -2.86 -15.49 -12.63
CA TYR A 195 -3.88 -15.43 -11.59
C TYR A 195 -5.00 -14.49 -11.99
N GLU A 196 -6.20 -14.79 -11.51
CA GLU A 196 -7.36 -13.93 -11.66
C GLU A 196 -8.09 -13.89 -10.32
N ASP A 197 -8.41 -12.69 -9.87
CA ASP A 197 -9.02 -12.49 -8.56
C ASP A 197 -10.36 -11.79 -8.71
N PRO A 198 -11.49 -12.45 -8.43
CA PRO A 198 -12.78 -11.76 -8.59
C PRO A 198 -13.06 -10.82 -7.44
N LYS A 199 -12.04 -10.07 -7.03
CA LYS A 199 -12.17 -8.95 -6.12
C LYS A 199 -11.31 -7.78 -6.55
N VAL A 200 -10.37 -7.98 -7.46
CA VAL A 200 -9.59 -6.90 -8.06
C VAL A 200 -10.30 -6.33 -9.28
N ALA A 201 -10.94 -7.20 -10.08
CA ALA A 201 -11.70 -6.72 -11.22
C ALA A 201 -12.89 -5.88 -10.77
N CYS A 202 -13.55 -6.27 -9.68
CA CYS A 202 -14.65 -5.48 -9.16
C CYS A 202 -14.18 -4.09 -8.76
N TRP A 203 -13.00 -3.99 -8.15
CA TRP A 203 -12.43 -2.68 -7.85
C TRP A 203 -12.11 -1.92 -9.14
N LEU A 204 -11.56 -2.61 -10.13
CA LEU A 204 -11.24 -1.96 -11.41
C LEU A 204 -12.48 -1.37 -12.07
N LEU A 205 -13.63 -2.01 -11.90
CA LEU A 205 -14.87 -1.48 -12.46
C LEU A 205 -15.25 -0.17 -11.76
N ASP A 206 -15.47 -0.23 -10.44
CA ASP A 206 -15.82 0.95 -9.65
C ASP A 206 -14.77 1.13 -8.57
N PRO A 207 -13.78 2.00 -8.76
CA PRO A 207 -12.66 2.09 -7.82
C PRO A 207 -13.01 2.62 -6.45
N ASP A 208 -14.17 3.27 -6.28
CA ASP A 208 -14.48 3.88 -4.99
C ASP A 208 -15.76 3.29 -4.39
N SER A 209 -15.89 1.97 -4.43
CA SER A 209 -17.00 1.27 -3.80
C SER A 209 -16.52 0.64 -2.49
N GLN A 210 -17.42 -0.05 -1.81
CA GLN A 210 -17.05 -0.80 -0.63
C GLN A 210 -16.20 -2.01 -1.03
N GLU A 211 -15.44 -2.52 -0.08
CA GLU A 211 -14.60 -3.68 -0.35
C GLU A 211 -15.48 -4.88 -0.68
N PRO A 212 -15.32 -5.51 -1.83
CA PRO A 212 -16.27 -6.53 -2.26
C PRO A 212 -16.26 -7.75 -1.34
N THR A 213 -17.42 -8.35 -1.20
CA THR A 213 -17.60 -9.61 -0.50
C THR A 213 -18.20 -10.63 -1.46
N LEU A 214 -18.17 -11.90 -1.06
CA LEU A 214 -18.70 -12.95 -1.93
C LEU A 214 -20.18 -12.74 -2.19
N HIS A 215 -20.94 -12.39 -1.14
CA HIS A 215 -22.35 -12.07 -1.32
C HIS A 215 -22.53 -10.85 -2.23
N SER A 216 -21.68 -9.83 -2.05
CA SER A 216 -21.79 -8.63 -2.88
C SER A 216 -21.42 -8.90 -4.33
N ILE A 217 -20.50 -9.82 -4.58
CA ILE A 217 -20.14 -10.18 -5.95
C ILE A 217 -21.27 -10.99 -6.59
N VAL A 218 -21.81 -11.96 -5.86
CA VAL A 218 -22.85 -12.84 -6.41
C VAL A 218 -24.13 -12.04 -6.66
N THR A 219 -24.46 -11.09 -5.77
CA THR A 219 -25.66 -10.29 -5.96
C THR A 219 -25.57 -9.44 -7.22
N SER A 220 -24.39 -8.87 -7.49
CA SER A 220 -24.25 -7.92 -8.59
C SER A 220 -23.97 -8.58 -9.93
N PHE A 221 -23.24 -9.70 -9.95
CA PHE A 221 -22.78 -10.25 -11.22
C PHE A 221 -23.32 -11.63 -11.54
N LEU A 222 -23.70 -12.43 -10.53
CA LEU A 222 -24.24 -13.77 -10.76
C LEU A 222 -25.52 -13.94 -9.94
N PRO A 223 -26.58 -13.22 -10.30
CA PRO A 223 -27.82 -13.32 -9.52
C PRO A 223 -28.49 -14.67 -9.58
N HIS A 224 -28.27 -15.44 -10.66
CA HIS A 224 -28.96 -16.73 -10.80
C HIS A 224 -28.61 -17.69 -9.67
N GLU A 225 -27.33 -17.74 -9.29
CA GLU A 225 -26.90 -18.57 -8.18
C GLU A 225 -27.03 -17.86 -6.83
N LEU A 226 -27.75 -16.75 -6.78
CA LEU A 226 -27.98 -16.07 -5.50
C LEU A 226 -28.66 -16.95 -4.46
N PRO A 227 -29.69 -17.76 -4.78
CA PRO A 227 -30.28 -18.61 -3.74
C PRO A 227 -29.33 -19.63 -3.15
N LEU A 228 -28.21 -19.93 -3.82
CA LEU A 228 -27.24 -20.86 -3.25
C LEU A 228 -26.62 -20.30 -1.98
N LEU A 229 -26.46 -18.99 -1.90
CA LEU A 229 -25.90 -18.34 -0.70
C LEU A 229 -27.01 -18.10 0.32
N GLU A 230 -27.48 -19.20 0.90
CA GLU A 230 -28.49 -19.17 1.95
C GLU A 230 -28.04 -20.03 3.12
N GLY A 231 -28.21 -19.51 4.33
CA GLY A 231 -27.74 -20.17 5.52
C GLY A 231 -26.33 -19.84 5.93
N MET A 232 -25.60 -19.06 5.12
CA MET A 232 -24.23 -18.66 5.42
C MET A 232 -24.19 -17.16 5.58
N GLU A 233 -23.99 -16.69 6.81
CA GLU A 233 -23.83 -15.26 7.08
C GLU A 233 -22.39 -14.79 7.01
N THR A 234 -21.44 -15.72 6.86
CA THR A 234 -20.03 -15.34 6.76
C THR A 234 -19.72 -14.63 5.46
N SER A 235 -20.57 -14.76 4.45
CA SER A 235 -20.36 -14.06 3.19
C SER A 235 -20.47 -12.54 3.35
N GLN A 236 -21.13 -12.07 4.41
CA GLN A 236 -21.25 -10.64 4.63
C GLN A 236 -19.90 -10.00 4.90
N GLY A 237 -19.04 -10.68 5.67
CA GLY A 237 -17.74 -10.13 6.00
C GLY A 237 -16.79 -10.16 4.82
N ILE A 238 -15.71 -9.41 4.95
CA ILE A 238 -14.68 -9.33 3.89
C ILE A 238 -13.71 -10.48 4.17
N GLN A 239 -14.08 -11.66 3.72
CA GLN A 239 -13.26 -12.86 3.86
C GLN A 239 -13.88 -13.96 3.02
N SER A 240 -13.02 -14.83 2.49
CA SER A 240 -13.49 -15.91 1.63
C SER A 240 -14.36 -16.88 2.42
N LEU A 241 -15.31 -17.49 1.72
CA LEU A 241 -16.26 -18.39 2.37
C LEU A 241 -15.55 -19.63 2.93
N GLY A 242 -14.57 -20.16 2.18
CA GLY A 242 -13.88 -21.35 2.64
C GLY A 242 -12.87 -21.12 3.74
N LEU A 243 -12.30 -19.91 3.81
CA LEU A 243 -11.27 -19.64 4.80
C LEU A 243 -11.83 -19.38 6.19
N ASN A 244 -13.01 -18.77 6.28
CA ASN A 244 -13.58 -18.48 7.60
C ASN A 244 -13.98 -19.77 8.29
N ALA A 245 -13.78 -19.82 9.60
CA ALA A 245 -14.02 -21.01 10.39
C ALA A 245 -15.38 -20.99 11.09
N GLY A 246 -16.23 -20.02 10.77
CA GLY A 246 -17.55 -19.92 11.36
C GLY A 246 -18.62 -20.62 10.56
N SER A 247 -19.87 -20.23 10.83
CA SER A 247 -21.06 -20.68 10.11
C SER A 247 -21.40 -22.13 10.42
N GLU A 248 -20.52 -22.82 11.15
CA GLU A 248 -20.75 -24.19 11.60
C GLU A 248 -21.09 -25.12 10.44
N HIS A 249 -20.47 -24.88 9.28
CA HIS A 249 -20.63 -25.73 8.11
C HIS A 249 -19.36 -26.53 7.86
N SER A 250 -19.51 -27.63 7.14
CA SER A 250 -18.34 -28.40 6.71
C SER A 250 -17.57 -27.60 5.67
N GLY A 251 -16.23 -27.66 5.77
CA GLY A 251 -15.41 -26.90 4.85
C GLY A 251 -15.58 -27.32 3.40
N ARG A 252 -15.93 -28.59 3.18
CA ARG A 252 -16.12 -29.09 1.82
C ARG A 252 -17.23 -28.32 1.10
N TYR A 253 -18.38 -28.19 1.76
CA TYR A 253 -19.52 -27.52 1.13
C TYR A 253 -19.23 -26.05 0.85
N ARG A 254 -18.65 -25.36 1.84
CA ARG A 254 -18.32 -23.95 1.66
C ARG A 254 -17.30 -23.76 0.54
N ALA A 255 -16.27 -24.61 0.51
CA ALA A 255 -15.26 -24.49 -0.53
C ALA A 255 -15.84 -24.75 -1.92
N SER A 256 -16.70 -25.77 -2.04
CA SER A 256 -17.28 -26.07 -3.35
C SER A 256 -18.21 -24.95 -3.82
N VAL A 257 -19.06 -24.44 -2.94
CA VAL A 257 -19.94 -23.34 -3.31
C VAL A 257 -19.13 -22.12 -3.71
N GLU A 258 -18.08 -21.82 -2.94
CA GLU A 258 -17.22 -20.70 -3.28
C GLU A 258 -16.66 -20.91 -4.67
N SER A 259 -15.92 -21.99 -4.88
CA SER A 259 -15.35 -22.35 -6.17
C SER A 259 -16.32 -22.10 -7.32
N ILE A 260 -17.53 -22.65 -7.22
CA ILE A 260 -18.50 -22.50 -8.31
C ILE A 260 -18.82 -21.03 -8.53
N LEU A 261 -19.09 -20.29 -7.45
CA LEU A 261 -19.50 -18.90 -7.59
C LEU A 261 -18.38 -18.04 -8.15
N ILE A 262 -17.15 -18.22 -7.65
CA ILE A 262 -16.01 -17.45 -8.10
C ILE A 262 -15.52 -17.87 -9.47
N PHE A 263 -15.99 -18.99 -10.00
CA PHE A 263 -15.71 -19.29 -11.40
C PHE A 263 -16.74 -18.62 -12.32
N ASN A 264 -18.03 -18.81 -12.04
CA ASN A 264 -19.04 -18.25 -12.92
C ASN A 264 -19.03 -16.71 -12.87
N SER A 265 -18.99 -16.14 -11.67
CA SER A 265 -18.92 -14.69 -11.55
C SER A 265 -17.65 -14.14 -12.15
N MET A 266 -16.55 -14.90 -12.12
CA MET A 266 -15.33 -14.43 -12.77
C MET A 266 -15.47 -14.44 -14.29
N ASN A 267 -16.19 -15.42 -14.82
CA ASN A 267 -16.49 -15.38 -16.26
C ASN A 267 -17.29 -14.13 -16.62
N GLN A 268 -18.30 -13.82 -15.79
CA GLN A 268 -19.08 -12.60 -16.02
C GLN A 268 -18.21 -11.35 -15.92
N LEU A 269 -17.32 -11.31 -14.92
CA LEU A 269 -16.42 -10.17 -14.75
C LEU A 269 -15.49 -10.01 -15.92
N ASN A 270 -14.98 -11.13 -16.46
CA ASN A 270 -14.13 -11.06 -17.64
C ASN A 270 -14.89 -10.51 -18.84
N SER A 271 -16.15 -10.93 -19.00
CA SER A 271 -16.97 -10.37 -20.07
C SER A 271 -17.12 -8.87 -19.91
N LEU A 272 -17.42 -8.41 -18.69
CA LEU A 272 -17.60 -6.99 -18.46
C LEU A 272 -16.29 -6.22 -18.67
N LEU A 273 -15.16 -6.79 -18.24
CA LEU A 273 -13.88 -6.14 -18.44
C LEU A 273 -13.55 -6.00 -19.92
N GLN A 274 -13.80 -7.05 -20.70
CA GLN A 274 -13.58 -6.96 -22.14
C GLN A 274 -14.49 -5.91 -22.76
N LYS A 275 -15.72 -5.81 -22.28
CA LYS A 275 -16.61 -4.75 -22.75
C LYS A 275 -16.06 -3.37 -22.42
N GLU A 276 -15.52 -3.19 -21.23
CA GLU A 276 -15.01 -1.91 -20.75
C GLU A 276 -13.59 -1.62 -21.23
N ASN A 277 -12.94 -2.57 -21.89
CA ASN A 277 -11.57 -2.42 -22.38
C ASN A 277 -10.60 -2.15 -21.22
N LEU A 278 -10.62 -3.06 -20.24
CA LEU A 278 -9.72 -2.99 -19.09
C LEU A 278 -9.06 -4.34 -18.81
N GLN A 279 -9.14 -5.29 -19.73
CA GLN A 279 -8.57 -6.61 -19.49
C GLN A 279 -7.05 -6.61 -19.61
N ASP A 280 -6.50 -5.80 -20.51
CA ASP A 280 -5.04 -5.69 -20.61
C ASP A 280 -4.44 -5.16 -19.32
N VAL A 281 -5.05 -4.11 -18.75
CA VAL A 281 -4.59 -3.59 -17.48
C VAL A 281 -4.78 -4.62 -16.38
N PHE A 282 -5.88 -5.37 -16.44
CA PHE A 282 -6.18 -6.35 -15.40
C PHE A 282 -5.16 -7.49 -15.38
N ARG A 283 -4.74 -7.96 -16.56
CA ARG A 283 -3.87 -9.14 -16.64
C ARG A 283 -2.41 -8.79 -16.87
N LYS A 284 -2.05 -7.52 -17.03
CA LYS A 284 -0.66 -7.16 -17.27
C LYS A 284 -0.01 -6.42 -16.10
N VAL A 285 -0.74 -5.56 -15.41
CA VAL A 285 -0.16 -4.73 -14.36
C VAL A 285 -0.82 -4.93 -13.01
N GLU A 286 -2.00 -5.54 -12.94
CA GLU A 286 -2.73 -5.62 -11.67
C GLU A 286 -2.42 -6.92 -10.92
N MET A 287 -2.70 -8.06 -11.53
CA MET A 287 -2.44 -9.34 -10.87
C MET A 287 -0.95 -9.57 -10.59
N PRO A 288 -0.02 -9.29 -11.50
CA PRO A 288 1.40 -9.37 -11.11
C PRO A 288 1.76 -8.42 -9.97
N SER A 289 1.11 -7.25 -9.89
CA SER A 289 1.33 -6.38 -8.75
C SER A 289 0.83 -7.02 -7.46
N GLN A 290 -0.30 -7.72 -7.53
CA GLN A 290 -0.79 -8.45 -6.36
C GLN A 290 0.18 -9.56 -5.96
N TYR A 291 0.78 -10.22 -6.95
CA TYR A 291 1.80 -11.23 -6.66
C TYR A 291 3.02 -10.61 -5.97
N CYS A 292 3.45 -9.45 -6.45
CA CYS A 292 4.56 -8.75 -5.80
C CYS A 292 4.19 -8.36 -4.37
N LEU A 293 2.95 -7.93 -4.15
CA LEU A 293 2.50 -7.60 -2.80
C LEU A 293 2.49 -8.83 -1.91
N ALA A 294 2.10 -9.99 -2.46
CA ALA A 294 2.17 -11.23 -1.69
C ALA A 294 3.61 -11.54 -1.29
N LEU A 295 4.55 -11.35 -2.21
CA LEU A 295 5.96 -11.54 -1.87
C LEU A 295 6.40 -10.57 -0.78
N LEU A 296 5.97 -9.31 -0.88
CA LEU A 296 6.33 -8.32 0.14
C LEU A 296 5.78 -8.71 1.50
N GLU A 297 4.53 -9.15 1.55
CA GLU A 297 3.93 -9.54 2.83
C GLU A 297 4.59 -10.79 3.40
N LEU A 298 5.06 -11.69 2.53
CA LEU A 298 5.85 -12.82 3.01
C LEU A 298 7.18 -12.35 3.60
N ASN A 299 7.84 -11.38 2.95
CA ASN A 299 9.13 -10.91 3.42
C ASN A 299 9.06 -10.26 4.80
N GLY A 300 8.35 -9.14 4.90
CA GLY A 300 8.27 -8.41 6.16
C GLY A 300 9.45 -7.49 6.40
N ILE A 301 9.18 -6.24 6.80
CA ILE A 301 10.24 -5.29 7.06
C ILE A 301 10.91 -5.63 8.39
N GLY A 302 12.23 -5.49 8.45
CA GLY A 302 12.98 -5.84 9.64
C GLY A 302 12.76 -4.85 10.77
N PHE A 303 13.22 -5.26 11.95
CA PHE A 303 13.08 -4.45 13.16
C PHE A 303 14.27 -4.73 14.06
N SER A 304 14.51 -3.83 15.02
CA SER A 304 15.66 -3.92 15.90
C SER A 304 15.30 -4.23 17.34
N THR A 305 14.38 -3.44 17.92
CA THR A 305 13.94 -3.55 19.32
C THR A 305 15.06 -3.15 20.28
N ALA A 306 16.23 -2.82 19.74
CA ALA A 306 17.32 -2.27 20.52
C ALA A 306 17.46 -0.76 20.32
N GLU A 307 17.00 -0.23 19.19
CA GLU A 307 16.99 1.20 18.93
C GLU A 307 15.67 1.84 19.34
N CYS A 308 14.57 1.10 19.23
CA CYS A 308 13.28 1.64 19.63
C CYS A 308 13.25 1.96 21.11
N GLU A 309 13.85 1.10 21.93
CA GLU A 309 13.90 1.37 23.37
C GLU A 309 14.73 2.61 23.67
N SER A 310 15.86 2.78 22.96
CA SER A 310 16.68 3.97 23.15
C SER A 310 15.89 5.24 22.82
N GLN A 311 15.22 5.25 21.67
CA GLN A 311 14.43 6.41 21.29
C GLN A 311 13.29 6.65 22.26
N LYS A 312 12.64 5.58 22.74
CA LYS A 312 11.56 5.73 23.70
C LYS A 312 12.07 6.35 24.99
N HIS A 313 13.21 5.89 25.49
CA HIS A 313 13.76 6.44 26.73
C HIS A 313 14.13 7.91 26.56
N ILE A 314 14.75 8.26 25.43
CA ILE A 314 15.12 9.65 25.21
C ILE A 314 13.88 10.53 25.13
N MET A 315 12.85 10.08 24.41
CA MET A 315 11.63 10.86 24.29
C MET A 315 10.91 10.99 25.63
N GLN A 316 10.91 9.93 26.44
CA GLN A 316 10.30 10.02 27.76
C GLN A 316 11.05 11.00 28.65
N ALA A 317 12.39 10.99 28.59
CA ALA A 317 13.17 11.95 29.36
C ALA A 317 12.85 13.38 28.92
N LYS A 318 12.75 13.60 27.62
CA LYS A 318 12.41 14.94 27.13
C LYS A 318 11.01 15.34 27.56
N LEU A 319 10.05 14.41 27.54
CA LEU A 319 8.70 14.72 27.98
C LEU A 319 8.68 15.09 29.46
N ASP A 320 9.41 14.35 30.28
CA ASP A 320 9.49 14.69 31.70
C ASP A 320 10.13 16.07 31.89
N ALA A 321 11.17 16.37 31.13
CA ALA A 321 11.79 17.68 31.22
C ALA A 321 10.81 18.79 30.84
N ILE A 322 10.04 18.58 29.77
CA ILE A 322 9.06 19.58 29.34
C ILE A 322 8.00 19.76 30.42
N GLU A 323 7.51 18.66 31.00
CA GLU A 323 6.50 18.76 32.05
C GLU A 323 7.03 19.51 33.27
N THR A 324 8.27 19.21 33.67
CA THR A 324 8.85 19.90 34.82
C THR A 324 9.03 21.39 34.53
N GLN A 325 9.48 21.74 33.31
CA GLN A 325 9.64 23.14 32.97
C GLN A 325 8.32 23.87 32.96
N ALA A 326 7.27 23.24 32.41
CA ALA A 326 5.95 23.87 32.42
C ALA A 326 5.44 24.05 33.85
N TYR A 327 5.64 23.04 34.70
CA TYR A 327 5.20 23.14 36.09
C TYR A 327 5.93 24.25 36.82
N GLN A 328 7.25 24.37 36.61
CA GLN A 328 8.00 25.42 37.29
C GLN A 328 7.74 26.79 36.70
N LEU A 329 7.27 26.87 35.46
CA LEU A 329 6.98 28.17 34.86
C LEU A 329 5.59 28.68 35.26
N ALA A 330 4.55 27.89 35.00
CA ALA A 330 3.19 28.36 35.27
C ALA A 330 2.75 28.05 36.70
N GLY A 331 3.14 26.90 37.24
CA GLY A 331 2.75 26.53 38.59
C GLY A 331 1.37 25.94 38.72
N HIS A 332 0.67 25.70 37.62
CA HIS A 332 -0.68 25.16 37.65
C HIS A 332 -0.72 23.87 36.83
N SER A 333 -1.51 22.90 37.32
CA SER A 333 -1.64 21.63 36.60
C SER A 333 -2.22 21.87 35.21
N PHE A 334 -1.69 21.17 34.22
CA PHE A 334 -2.04 21.41 32.83
C PHE A 334 -2.99 20.38 32.24
N SER A 335 -2.68 19.09 32.42
CA SER A 335 -3.39 18.02 31.74
C SER A 335 -3.38 18.26 30.23
N PHE A 336 -2.16 18.20 29.67
CA PHE A 336 -1.88 18.56 28.29
C PHE A 336 -2.86 17.96 27.28
N THR A 337 -3.38 16.76 27.57
CA THR A 337 -4.33 16.14 26.67
C THR A 337 -5.70 16.82 26.70
N SER A 338 -5.97 17.64 27.71
CA SER A 338 -7.25 18.33 27.84
C SER A 338 -7.16 19.67 27.12
N SER A 339 -7.88 19.80 26.01
CA SER A 339 -7.88 21.05 25.26
C SER A 339 -8.55 22.17 26.04
N ASP A 340 -9.60 21.85 26.80
CA ASP A 340 -10.30 22.87 27.57
C ASP A 340 -9.38 23.51 28.61
N ASP A 341 -8.60 22.69 29.32
CA ASP A 341 -7.68 23.21 30.31
C ASP A 341 -6.62 24.09 29.66
N ILE A 342 -6.08 23.66 28.52
CA ILE A 342 -5.07 24.45 27.83
C ILE A 342 -5.65 25.79 27.39
N ALA A 343 -6.87 25.78 26.85
CA ALA A 343 -7.51 27.03 26.43
C ALA A 343 -7.74 27.95 27.62
N GLU A 344 -8.18 27.40 28.75
CA GLU A 344 -8.50 28.24 29.90
C GLU A 344 -7.27 28.72 30.66
N VAL A 345 -6.11 28.07 30.48
CA VAL A 345 -4.89 28.53 31.13
C VAL A 345 -3.95 29.24 30.17
N LEU A 346 -4.27 29.29 28.88
CA LEU A 346 -3.40 29.92 27.90
C LEU A 346 -4.05 31.11 27.21
N PHE A 347 -5.27 30.96 26.72
CA PHE A 347 -5.91 32.03 25.96
C PHE A 347 -6.46 33.15 26.84
N LEU A 348 -6.90 32.83 28.06
CA LEU A 348 -7.48 33.83 28.94
C LEU A 348 -6.67 34.08 30.19
N GLU A 349 -5.98 33.06 30.72
CA GLU A 349 -5.22 33.24 31.95
C GLU A 349 -3.88 33.90 31.68
N LEU A 350 -3.04 33.26 30.86
CA LEU A 350 -1.69 33.76 30.59
C LEU A 350 -1.66 34.56 29.29
N LYS A 351 -2.48 35.61 29.25
CA LYS A 351 -2.55 36.56 28.12
C LYS A 351 -2.85 35.76 26.85
N LEU A 352 -2.13 35.97 25.75
CA LEU A 352 -2.30 35.24 24.49
C LEU A 352 -3.74 35.30 23.98
N PRO A 353 -4.18 36.45 23.46
CA PRO A 353 -5.54 36.55 22.95
C PRO A 353 -5.80 35.57 21.82
N PRO A 354 -7.00 35.00 21.76
CA PRO A 354 -7.28 33.99 20.73
C PRO A 354 -7.54 34.59 19.35
N ASN A 355 -7.88 33.74 18.39
CA ASN A 355 -8.17 34.17 17.03
C ASN A 355 -9.67 34.44 16.89
N ARG A 356 -10.12 34.65 15.65
CA ARG A 356 -11.53 34.92 15.41
C ARG A 356 -12.41 33.74 15.78
N GLU A 357 -12.00 32.54 15.39
CA GLU A 357 -12.75 31.33 15.75
C GLU A 357 -11.82 30.28 16.35
N GLY A 383 -15.79 24.88 28.20
CA GLY A 383 -16.10 23.96 27.13
C GLY A 383 -16.23 24.64 25.78
N ARG A 384 -15.37 24.22 24.84
CA ARG A 384 -15.38 24.72 23.46
C ARG A 384 -15.10 26.21 23.38
N GLN A 385 -14.46 26.78 24.40
CA GLN A 385 -14.27 28.23 24.44
C GLN A 385 -13.37 28.72 23.31
N PHE A 386 -12.24 28.04 23.09
CA PHE A 386 -11.29 28.50 22.08
C PHE A 386 -10.67 27.30 21.39
N SER A 387 -10.17 27.53 20.18
CA SER A 387 -9.57 26.49 19.36
C SER A 387 -8.11 26.27 19.76
N THR A 388 -7.71 25.01 19.84
CA THR A 388 -6.35 24.62 20.18
C THR A 388 -5.89 23.60 19.13
N SER A 389 -5.30 24.08 18.04
CA SER A 389 -4.80 23.23 16.98
C SER A 389 -3.36 23.65 16.63
N LYS A 390 -2.76 22.95 15.68
CA LYS A 390 -1.38 23.24 15.30
C LYS A 390 -1.24 24.64 14.71
N ASP A 391 -2.17 25.03 13.84
CA ASP A 391 -2.05 26.31 13.15
C ASP A 391 -2.17 27.49 14.11
N VAL A 392 -3.13 27.43 15.03
CA VAL A 392 -3.34 28.57 15.92
C VAL A 392 -2.14 28.75 16.86
N LEU A 393 -1.50 27.67 17.27
CA LEU A 393 -0.31 27.78 18.10
C LEU A 393 0.91 28.19 17.28
N ASN A 394 1.00 27.73 16.03
CA ASN A 394 2.09 28.17 15.17
C ASN A 394 2.02 29.66 14.89
N LYS A 395 0.81 30.21 14.82
CA LYS A 395 0.65 31.64 14.58
C LYS A 395 1.06 32.49 15.79
N LEU A 396 1.31 31.87 16.95
CA LEU A 396 1.73 32.64 18.12
C LEU A 396 2.84 31.96 18.90
N LYS A 397 3.65 31.11 18.26
CA LYS A 397 4.78 30.49 18.94
C LYS A 397 5.74 31.54 19.51
N ALA A 398 6.08 32.55 18.71
CA ALA A 398 7.09 33.51 19.13
C ALA A 398 6.60 34.43 20.25
N LEU A 399 5.28 34.60 20.40
CA LEU A 399 4.77 35.52 21.40
C LEU A 399 5.07 35.03 22.81
N HIS A 400 4.96 33.72 23.05
CA HIS A 400 5.20 33.16 24.36
C HIS A 400 5.88 31.80 24.22
N PRO A 401 6.85 31.49 25.07
CA PRO A 401 7.52 30.17 24.98
C PRO A 401 6.59 28.99 25.24
N LEU A 402 5.54 29.18 26.04
CA LEU A 402 4.70 28.05 26.44
C LEU A 402 4.02 27.34 25.28
N PRO A 403 3.42 28.03 24.30
CA PRO A 403 2.84 27.29 23.15
C PRO A 403 3.86 26.45 22.40
N GLY A 404 5.10 26.91 22.26
CA GLY A 404 6.12 26.09 21.64
C GLY A 404 6.40 24.83 22.45
N LEU A 405 6.46 24.97 23.77
CA LEU A 405 6.68 23.80 24.63
C LEU A 405 5.54 22.80 24.51
N ILE A 406 4.29 23.29 24.50
CA ILE A 406 3.17 22.35 24.42
C ILE A 406 3.10 21.71 23.03
N LEU A 407 3.46 22.45 21.98
CA LEU A 407 3.52 21.84 20.65
C LEU A 407 4.58 20.75 20.60
N GLU A 408 5.75 21.01 21.19
CA GLU A 408 6.79 19.98 21.24
C GLU A 408 6.31 18.76 22.02
N TRP A 409 5.62 18.99 23.15
CA TRP A 409 5.11 17.89 23.95
C TRP A 409 4.11 17.05 23.15
N ARG A 410 3.18 17.70 22.47
CA ARG A 410 2.19 16.96 21.69
C ARG A 410 2.83 16.21 20.54
N ARG A 411 3.80 16.83 19.87
CA ARG A 411 4.48 16.14 18.78
C ARG A 411 5.23 14.92 19.27
N ILE A 412 5.89 15.01 20.43
CA ILE A 412 6.64 13.87 20.94
C ILE A 412 5.69 12.78 21.41
N THR A 413 4.58 13.15 22.06
CA THR A 413 3.61 12.15 22.48
C THR A 413 2.98 11.44 21.30
N ASN A 414 2.75 12.17 20.20
CA ASN A 414 2.27 11.51 18.99
C ASN A 414 3.45 10.93 18.22
N ALA A 415 4.33 10.25 18.97
CA ALA A 415 5.29 9.30 18.43
C ALA A 415 5.40 8.05 19.28
N ILE A 416 5.03 8.11 20.56
CA ILE A 416 5.06 6.97 21.46
C ILE A 416 3.65 6.41 21.58
N THR A 417 2.66 7.29 21.53
CA THR A 417 1.27 6.85 21.63
C THR A 417 0.72 6.31 20.32
N LYS A 418 1.42 6.52 19.21
CA LYS A 418 0.91 6.10 17.90
C LYS A 418 1.93 5.37 17.04
N VAL A 419 3.23 5.43 17.34
CA VAL A 419 4.22 4.82 16.46
C VAL A 419 5.11 3.84 17.21
N VAL A 420 5.32 4.06 18.50
CA VAL A 420 6.21 3.18 19.27
C VAL A 420 5.46 1.95 19.78
N PHE A 421 4.32 2.15 20.42
CA PHE A 421 3.55 1.00 20.90
C PHE A 421 3.07 0.07 19.79
N PRO A 422 2.52 0.56 18.66
CA PRO A 422 2.12 -0.38 17.61
C PRO A 422 3.26 -1.24 17.09
N LEU A 423 4.46 -0.69 16.95
CA LEU A 423 5.58 -1.51 16.47
C LEU A 423 6.00 -2.52 17.53
N GLN A 424 6.08 -2.10 18.79
CA GLN A 424 6.56 -3.00 19.84
C GLN A 424 5.56 -4.13 20.09
N ARG A 425 4.27 -3.84 19.97
CA ARG A 425 3.25 -4.87 20.15
C ARG A 425 3.30 -5.92 19.05
N GLU A 426 3.51 -5.48 17.81
CA GLU A 426 3.46 -6.36 16.63
C GLU A 426 4.87 -6.68 16.19
N LYS A 427 5.35 -7.86 16.58
CA LYS A 427 6.66 -8.35 16.17
C LYS A 427 6.60 -9.86 16.03
N CYS A 428 7.55 -10.40 15.28
CA CYS A 428 7.69 -11.84 15.11
C CYS A 428 9.15 -12.23 15.29
N LEU A 429 9.37 -13.39 15.91
CA LEU A 429 10.73 -13.80 16.21
C LEU A 429 11.50 -14.18 14.96
N ASN A 430 10.84 -14.83 13.99
CA ASN A 430 11.43 -15.27 12.73
C ASN A 430 12.70 -16.06 12.99
N PRO A 431 12.59 -17.30 13.48
CA PRO A 431 13.80 -18.04 13.87
C PRO A 431 14.79 -18.26 12.74
N PHE A 432 14.33 -18.41 11.50
CA PHE A 432 15.24 -18.76 10.40
C PHE A 432 16.28 -17.67 10.17
N LEU A 433 15.88 -16.42 10.18
CA LEU A 433 16.80 -15.31 9.96
C LEU A 433 17.41 -14.76 11.25
N GLY A 434 16.88 -15.16 12.40
CA GLY A 434 17.43 -14.71 13.67
C GLY A 434 17.31 -13.23 13.95
N MET A 435 16.16 -12.63 13.63
CA MET A 435 15.92 -11.23 13.94
C MET A 435 14.42 -11.00 14.02
N GLU A 436 14.02 -9.96 14.75
CA GLU A 436 12.62 -9.60 14.89
C GLU A 436 12.21 -8.73 13.71
N ARG A 437 11.18 -9.16 13.00
CA ARG A 437 10.62 -8.43 11.87
C ARG A 437 9.21 -7.95 12.23
N ILE A 438 8.53 -7.36 11.25
CA ILE A 438 7.15 -6.93 11.42
C ILE A 438 6.43 -7.05 10.09
N TYR A 439 5.34 -7.83 10.06
CA TYR A 439 4.65 -8.14 8.81
C TYR A 439 3.39 -7.32 8.71
N PRO A 440 3.31 -6.34 7.81
CA PRO A 440 2.09 -5.55 7.66
C PRO A 440 1.05 -6.30 6.83
N VAL A 441 -0.07 -5.63 6.59
CA VAL A 441 -1.14 -6.14 5.74
C VAL A 441 -1.46 -5.08 4.70
N SER A 442 -1.24 -5.40 3.43
CA SER A 442 -1.40 -4.42 2.37
C SER A 442 -2.87 -4.25 2.02
N GLN A 443 -3.14 -3.18 1.27
CA GLN A 443 -4.48 -2.92 0.75
C GLN A 443 -4.33 -2.10 -0.51
N SER A 444 -4.90 -2.59 -1.61
CA SER A 444 -4.83 -1.94 -2.91
C SER A 444 -6.16 -1.37 -3.36
N HIS A 445 -7.17 -1.37 -2.48
CA HIS A 445 -8.51 -0.92 -2.83
C HIS A 445 -8.68 0.58 -2.67
N THR A 446 -7.59 1.35 -2.74
CA THR A 446 -7.67 2.79 -2.61
C THR A 446 -8.31 3.41 -3.85
N ALA A 447 -8.82 4.63 -3.70
CA ALA A 447 -9.57 5.27 -4.77
C ALA A 447 -8.67 5.61 -5.96
N THR A 448 -7.51 6.22 -5.69
CA THR A 448 -6.63 6.60 -6.78
C THR A 448 -5.91 5.40 -7.37
N GLY A 449 -5.44 4.49 -6.51
CA GLY A 449 -4.72 3.33 -6.97
C GLY A 449 -3.52 3.01 -6.10
N ARG A 450 -3.29 3.84 -5.09
CA ARG A 450 -2.16 3.66 -4.19
C ARG A 450 -2.33 2.40 -3.35
N ILE A 451 -1.25 2.01 -2.69
CA ILE A 451 -1.22 0.85 -1.82
C ILE A 451 -0.92 1.32 -0.41
N THR A 452 -1.76 0.93 0.55
CA THR A 452 -1.61 1.35 1.93
C THR A 452 -1.55 0.14 2.84
N PHE A 453 -0.67 0.19 3.84
CA PHE A 453 -0.53 -0.90 4.80
C PHE A 453 -1.29 -0.55 6.08
N THR A 454 -1.97 -1.55 6.64
CA THR A 454 -3.00 -1.29 7.65
C THR A 454 -2.79 -2.02 8.96
N GLU A 455 -1.64 -2.66 9.18
CA GLU A 455 -1.43 -3.36 10.44
C GLU A 455 0.05 -3.60 10.72
N PRO A 456 0.80 -2.56 11.12
CA PRO A 456 0.39 -1.17 11.32
C PRO A 456 0.43 -0.40 10.02
N ASN A 457 0.49 0.93 10.07
CA ASN A 457 0.66 1.75 8.88
C ASN A 457 2.13 2.19 8.86
N ILE A 458 2.98 1.33 8.30
CA ILE A 458 4.42 1.59 8.30
C ILE A 458 4.77 2.79 7.44
N GLN A 459 3.90 3.18 6.52
CA GLN A 459 4.14 4.34 5.67
C GLN A 459 3.96 5.67 6.39
N ASN A 460 3.72 5.65 7.70
CA ASN A 460 3.54 6.87 8.48
C ASN A 460 4.54 6.97 9.62
N VAL A 461 5.67 6.29 9.52
CA VAL A 461 6.72 6.42 10.55
C VAL A 461 7.27 7.84 10.51
N PRO A 462 7.42 8.53 11.64
CA PRO A 462 7.87 9.91 11.61
C PRO A 462 9.26 10.05 11.02
N ARG A 463 9.50 11.20 10.40
CA ARG A 463 10.78 11.49 9.76
C ARG A 463 11.81 11.88 10.82
N ASP A 464 12.96 12.34 10.38
CA ASP A 464 13.99 12.83 11.29
C ASP A 464 13.64 14.25 11.73
N PHE A 465 13.81 14.52 13.02
CA PHE A 465 13.55 15.85 13.55
C PHE A 465 14.43 16.09 14.77
N GLU A 466 14.98 17.30 14.86
CA GLU A 466 15.92 17.63 15.91
C GLU A 466 15.19 17.82 17.24
N ILE A 467 15.98 17.86 18.32
CA ILE A 467 15.44 17.97 19.67
C ILE A 467 16.46 18.70 20.53
N LYS A 468 15.98 19.37 21.56
CA LYS A 468 16.82 20.10 22.51
C LYS A 468 16.71 19.45 23.87
N MET A 469 17.86 19.11 24.46
CA MET A 469 17.92 18.43 25.76
C MET A 469 18.70 19.30 26.74
N PRO A 470 18.02 20.15 27.53
CA PRO A 470 18.66 21.01 28.53
C PRO A 470 19.37 20.21 29.61
N MET A 517 24.20 18.57 19.24
CA MET A 517 23.27 18.74 20.34
C MET A 517 21.92 18.02 20.13
N PRO A 518 21.33 18.11 18.93
CA PRO A 518 20.14 17.29 18.66
C PRO A 518 20.45 15.81 18.78
N PHE A 519 19.47 15.05 19.26
CA PHE A 519 19.68 13.63 19.52
C PHE A 519 19.24 12.73 18.37
N SER A 520 18.53 13.26 17.37
CA SER A 520 18.12 12.51 16.18
C SER A 520 17.32 11.26 16.58
N ILE A 521 16.15 11.52 17.14
CA ILE A 521 15.32 10.49 17.75
C ILE A 521 14.38 9.87 16.72
N SER A 522 14.70 10.04 15.45
CA SER A 522 13.87 9.50 14.37
C SER A 522 13.63 8.01 14.55
N MET A 523 12.37 7.60 14.37
CA MET A 523 12.00 6.20 14.51
C MET A 523 12.34 5.36 13.29
N ARG A 524 12.69 5.98 12.16
CA ARG A 524 13.10 5.24 10.98
C ARG A 524 14.44 4.53 11.17
N HIS A 525 15.18 4.87 12.22
CA HIS A 525 16.48 4.26 12.47
C HIS A 525 16.37 2.82 12.97
N ALA A 526 15.17 2.37 13.33
CA ALA A 526 14.97 1.06 13.93
C ALA A 526 14.61 -0.02 12.91
N PHE A 527 14.57 0.29 11.63
CA PHE A 527 14.25 -0.69 10.59
C PHE A 527 15.54 -1.10 9.90
N VAL A 528 15.99 -2.32 10.19
CA VAL A 528 17.29 -2.80 9.73
C VAL A 528 17.07 -4.04 8.90
N PRO A 529 18.00 -4.36 7.98
CA PRO A 529 17.86 -5.56 7.16
C PRO A 529 18.36 -6.81 7.88
N PHE A 530 18.39 -7.94 7.18
CA PHE A 530 18.99 -9.13 7.75
C PHE A 530 20.50 -8.92 7.88
N PRO A 531 21.15 -9.65 8.79
CA PRO A 531 22.60 -9.50 8.93
C PRO A 531 23.31 -9.76 7.61
N GLY A 532 24.29 -8.92 7.30
CA GLY A 532 24.89 -8.93 5.98
C GLY A 532 23.92 -8.51 4.91
N GLY A 533 23.18 -7.42 5.16
CA GLY A 533 22.25 -6.89 4.18
C GLY A 533 22.23 -5.38 4.25
N SER A 534 21.54 -4.77 3.29
CA SER A 534 21.45 -3.32 3.21
C SER A 534 20.14 -2.92 2.56
N ILE A 535 19.54 -1.84 3.07
CA ILE A 535 18.39 -1.26 2.41
C ILE A 535 18.86 -0.51 1.16
N LEU A 536 18.12 -0.66 0.07
CA LEU A 536 18.51 -0.20 -1.26
C LEU A 536 17.38 0.62 -1.86
N ALA A 537 16.93 1.64 -1.12
CA ALA A 537 15.76 2.39 -1.53
C ALA A 537 16.00 3.05 -2.89
N ALA A 538 14.91 3.26 -3.62
CA ALA A 538 15.02 3.80 -4.97
C ALA A 538 13.74 4.56 -5.28
N ASP A 539 13.82 5.89 -5.31
CA ASP A 539 12.65 6.74 -5.47
C ASP A 539 12.74 7.54 -6.76
N TYR A 540 11.59 7.67 -7.43
CA TYR A 540 11.45 8.65 -8.50
C TYR A 540 11.57 10.06 -7.91
N SER A 541 12.16 10.97 -8.67
CA SER A 541 12.29 12.36 -8.25
C SER A 541 11.24 13.19 -8.99
N GLN A 542 10.40 13.88 -8.25
CA GLN A 542 9.35 14.64 -8.86
C GLN A 542 8.68 13.71 -9.84
N LEU A 543 7.84 12.77 -9.40
CA LEU A 543 7.15 11.92 -10.35
C LEU A 543 5.84 12.57 -10.83
N GLU A 544 5.07 13.14 -9.90
CA GLU A 544 3.82 13.77 -10.29
C GLU A 544 4.06 14.98 -11.19
N LEU A 545 5.11 15.75 -10.91
CA LEU A 545 5.41 16.90 -11.77
C LEU A 545 5.77 16.46 -13.18
N ARG A 546 6.56 15.40 -13.31
CA ARG A 546 6.92 14.90 -14.63
C ARG A 546 5.70 14.35 -15.37
N ILE A 547 4.82 13.64 -14.66
CA ILE A 547 3.60 13.13 -15.30
C ILE A 547 2.72 14.29 -15.76
N LEU A 548 2.63 15.34 -14.94
CA LEU A 548 1.85 16.51 -15.32
C LEU A 548 2.45 17.20 -16.54
N ALA A 549 3.78 17.30 -16.59
CA ALA A 549 4.43 17.87 -17.76
C ALA A 549 4.15 17.05 -19.01
N HIS A 550 4.20 15.72 -18.88
CA HIS A 550 3.92 14.85 -20.01
C HIS A 550 2.48 15.01 -20.50
N LEU A 551 1.53 15.06 -19.56
CA LEU A 551 0.13 15.16 -19.94
C LEU A 551 -0.27 16.56 -20.38
N SER A 552 0.51 17.58 -20.05
CA SER A 552 0.19 18.95 -20.42
C SER A 552 0.88 19.40 -21.70
N HIS A 553 1.91 18.67 -22.14
CA HIS A 553 2.68 19.04 -23.33
C HIS A 553 3.24 20.45 -23.22
N ASP A 554 3.69 20.82 -22.03
CA ASP A 554 4.30 22.13 -21.80
C ASP A 554 5.74 22.07 -22.27
N ARG A 555 6.04 22.73 -23.39
CA ARG A 555 7.37 22.66 -23.98
C ARG A 555 8.42 23.22 -23.03
N ARG A 556 8.13 24.37 -22.41
CA ARG A 556 9.08 24.98 -21.49
C ARG A 556 9.32 24.10 -20.27
N LEU A 557 8.25 23.55 -19.70
CA LEU A 557 8.40 22.70 -18.52
C LEU A 557 9.11 21.40 -18.87
N ILE A 558 8.81 20.83 -20.03
CA ILE A 558 9.51 19.61 -20.46
C ILE A 558 10.99 19.90 -20.64
N GLN A 559 11.33 21.04 -21.26
CA GLN A 559 12.72 21.40 -21.45
C GLN A 559 13.42 21.59 -20.11
N VAL A 560 12.74 22.20 -19.14
CA VAL A 560 13.33 22.39 -17.82
C VAL A 560 13.56 21.05 -17.13
N LEU A 561 12.58 20.16 -17.19
CA LEU A 561 12.68 18.89 -16.45
C LEU A 561 13.66 17.93 -17.09
N ASN A 562 13.78 17.94 -18.43
CA ASN A 562 14.69 17.02 -19.10
C ASN A 562 16.13 17.28 -18.69
N THR A 563 16.52 18.55 -18.60
CA THR A 563 17.86 18.89 -18.16
C THR A 563 17.99 18.68 -16.66
N GLY A 564 19.24 18.52 -16.21
CA GLY A 564 19.49 18.27 -14.80
C GLY A 564 19.48 19.53 -13.96
N ALA A 565 18.40 19.74 -13.23
CA ALA A 565 18.25 20.92 -12.37
C ALA A 565 17.17 20.62 -11.35
N ASP A 566 16.76 21.65 -10.61
CA ASP A 566 15.75 21.52 -9.57
C ASP A 566 14.78 22.69 -9.65
N VAL A 567 13.54 22.45 -9.23
CA VAL A 567 12.49 23.45 -9.23
C VAL A 567 11.96 23.74 -7.83
N PHE A 568 11.76 22.71 -7.01
CA PHE A 568 11.24 22.90 -5.67
C PHE A 568 12.21 23.71 -4.81
N ARG A 569 13.49 23.36 -4.85
CA ARG A 569 14.48 24.12 -4.10
C ARG A 569 14.58 25.55 -4.62
N SER A 570 14.46 25.73 -5.93
CA SER A 570 14.52 27.07 -6.51
C SER A 570 13.36 27.93 -6.03
N ILE A 571 12.14 27.39 -6.05
CA ILE A 571 10.99 28.18 -5.60
C ILE A 571 11.06 28.43 -4.09
N ALA A 572 11.58 27.47 -3.32
CA ALA A 572 11.76 27.70 -1.89
C ALA A 572 12.73 28.85 -1.64
N ALA A 573 13.87 28.84 -2.34
CA ALA A 573 14.84 29.90 -2.18
C ALA A 573 14.28 31.25 -2.63
N GLU A 574 13.53 31.26 -3.72
CA GLU A 574 12.93 32.50 -4.20
C GLU A 574 11.89 33.04 -3.23
N TRP A 575 11.15 32.14 -2.57
CA TRP A 575 10.17 32.58 -1.58
C TRP A 575 10.85 33.09 -0.32
N LYS A 576 11.95 32.47 0.08
CA LYS A 576 12.66 32.87 1.29
C LYS A 576 13.85 33.79 1.01
N MET A 577 14.03 34.21 -0.24
CA MET A 577 15.02 35.20 -0.67
C MET A 577 16.46 34.73 -0.52
N ILE A 578 16.69 33.50 -0.05
CA ILE A 578 18.04 32.96 0.08
C ILE A 578 18.54 32.56 -1.30
N GLU A 579 19.82 32.24 -1.40
CA GLU A 579 20.41 31.89 -2.68
C GLU A 579 19.76 30.61 -3.23
N PRO A 580 19.67 30.48 -4.56
CA PRO A 580 19.03 29.28 -5.13
C PRO A 580 19.70 27.98 -4.71
N GLU A 581 21.01 27.98 -4.50
CA GLU A 581 21.72 26.79 -4.03
C GLU A 581 21.79 26.75 -2.51
N SER A 582 20.64 26.90 -1.86
CA SER A 582 20.56 26.86 -0.40
C SER A 582 19.11 26.64 0.00
N VAL A 583 18.85 25.58 0.75
CA VAL A 583 17.50 25.25 1.20
C VAL A 583 17.60 24.24 2.33
N GLY A 584 16.66 24.33 3.27
CA GLY A 584 16.58 23.35 4.33
C GLY A 584 15.63 22.20 4.03
N ASP A 585 15.78 21.13 4.80
CA ASP A 585 14.93 19.95 4.59
C ASP A 585 13.47 20.27 4.89
N ASP A 586 13.22 20.95 6.00
CA ASP A 586 11.86 21.42 6.28
C ASP A 586 11.41 22.42 5.23
N LEU A 587 12.31 23.29 4.79
CA LEU A 587 11.98 24.20 3.70
C LEU A 587 11.71 23.44 2.41
N ARG A 588 12.43 22.34 2.17
CA ARG A 588 12.15 21.51 1.00
C ARG A 588 10.75 20.90 1.08
N GLN A 589 10.37 20.39 2.25
CA GLN A 589 9.03 19.84 2.42
C GLN A 589 7.97 20.91 2.23
N GLN A 590 8.21 22.11 2.77
CA GLN A 590 7.25 23.21 2.61
C GLN A 590 7.13 23.61 1.15
N ALA A 591 8.24 23.63 0.42
CA ALA A 591 8.20 23.94 -1.00
C ALA A 591 7.42 22.87 -1.77
N LYS A 592 7.61 21.60 -1.42
CA LYS A 592 6.84 20.53 -2.05
C LYS A 592 5.35 20.74 -1.80
N GLN A 593 4.97 21.06 -0.56
CA GLN A 593 3.57 21.31 -0.25
C GLN A 593 3.02 22.46 -1.06
N ILE A 594 3.76 23.57 -1.12
CA ILE A 594 3.28 24.75 -1.85
C ILE A 594 3.11 24.44 -3.33
N CYS A 595 4.10 23.77 -3.93
CA CYS A 595 4.04 23.47 -5.35
C CYS A 595 2.88 22.54 -5.67
N TYR A 596 2.71 21.48 -4.87
CA TYR A 596 1.62 20.56 -5.14
C TYR A 596 0.26 21.19 -4.87
N GLY A 597 0.19 22.11 -3.90
CA GLY A 597 -1.06 22.82 -3.67
C GLY A 597 -1.44 23.73 -4.83
N ILE A 598 -0.46 24.49 -5.34
CA ILE A 598 -0.78 25.38 -6.46
C ILE A 598 -1.03 24.57 -7.73
N ILE A 599 -0.45 23.38 -7.84
CA ILE A 599 -0.78 22.50 -8.95
C ILE A 599 -2.22 22.00 -8.82
N TYR A 600 -2.64 21.64 -7.60
CA TYR A 600 -3.96 21.07 -7.41
C TYR A 600 -5.07 22.10 -7.37
N GLY A 601 -4.75 23.39 -7.35
CA GLY A 601 -5.74 24.44 -7.49
C GLY A 601 -6.05 25.25 -6.26
N MET A 602 -5.26 25.14 -5.19
CA MET A 602 -5.53 25.96 -4.02
C MET A 602 -4.99 27.37 -4.22
N GLY A 603 -5.50 28.29 -3.41
CA GLY A 603 -5.08 29.67 -3.51
C GLY A 603 -5.87 30.56 -2.59
N ALA A 604 -5.87 31.85 -2.91
CA ALA A 604 -6.61 32.88 -2.17
C ALA A 604 -6.07 32.90 -0.74
N LYS A 605 -6.92 32.77 0.29
CA LYS A 605 -6.42 32.87 1.65
C LYS A 605 -5.63 31.63 2.06
N SER A 606 -5.92 30.47 1.46
CA SER A 606 -5.34 29.21 1.93
C SER A 606 -3.83 29.21 1.74
N LEU A 607 -3.35 29.69 0.60
CA LEU A 607 -1.91 29.68 0.33
C LEU A 607 -1.16 30.64 1.24
N GLY A 608 -1.82 31.68 1.77
CA GLY A 608 -1.12 32.69 2.52
C GLY A 608 -0.50 32.18 3.81
N GLU A 609 -1.22 31.32 4.53
CA GLU A 609 -0.73 30.88 5.84
C GLU A 609 0.58 30.10 5.71
N GLN A 610 0.66 29.18 4.75
CA GLN A 610 1.92 28.47 4.54
C GLN A 610 2.94 29.36 3.85
N MET A 611 2.49 30.29 3.00
CA MET A 611 3.39 31.20 2.31
C MET A 611 3.90 32.32 3.20
N GLY A 612 3.20 32.61 4.29
CA GLY A 612 3.62 33.68 5.19
C GLY A 612 3.67 35.04 4.53
N ILE A 613 2.69 35.32 3.66
CA ILE A 613 2.65 36.56 2.89
C ILE A 613 1.21 37.00 2.74
N LYS A 614 1.01 38.22 2.27
CA LYS A 614 -0.33 38.77 2.08
C LYS A 614 -1.05 38.05 0.95
N GLU A 615 -2.36 38.27 0.86
CA GLU A 615 -3.15 37.62 -0.18
C GLU A 615 -2.97 38.27 -1.54
N ASN A 616 -2.76 39.59 -1.59
CA ASN A 616 -2.69 40.29 -2.88
C ASN A 616 -1.45 39.87 -3.66
N ASP A 617 -0.27 39.91 -3.04
CA ASP A 617 0.94 39.51 -3.73
C ASP A 617 0.98 38.00 -3.97
N ALA A 618 0.35 37.22 -3.08
CA ALA A 618 0.24 35.78 -3.33
C ALA A 618 -0.59 35.51 -4.59
N ALA A 619 -1.71 36.22 -4.75
CA ALA A 619 -2.50 36.07 -5.96
C ALA A 619 -1.77 36.58 -7.18
N CYS A 620 -0.99 37.66 -7.03
CA CYS A 620 -0.18 38.14 -8.14
C CYS A 620 0.83 37.09 -8.59
N TYR A 621 1.50 36.45 -7.64
CA TYR A 621 2.42 35.37 -7.95
C TYR A 621 1.69 34.19 -8.59
N ILE A 622 0.49 33.87 -8.10
CA ILE A 622 -0.28 32.77 -8.65
C ILE A 622 -0.62 33.03 -10.12
N ASP A 623 -1.10 34.24 -10.43
CA ASP A 623 -1.48 34.52 -11.80
C ASP A 623 -0.26 34.62 -12.70
N SER A 624 0.87 35.14 -12.18
CA SER A 624 2.09 35.16 -12.97
C SER A 624 2.56 33.76 -13.30
N PHE A 625 2.53 32.85 -12.32
CA PHE A 625 2.95 31.48 -12.56
C PHE A 625 1.99 30.78 -13.50
N LYS A 626 0.68 31.02 -13.37
CA LYS A 626 -0.27 30.47 -14.33
C LYS A 626 -0.03 31.01 -15.73
N SER A 627 0.46 32.24 -15.84
CA SER A 627 0.78 32.80 -17.15
C SER A 627 2.06 32.20 -17.73
N ARG A 628 3.01 31.82 -16.88
CA ARG A 628 4.23 31.18 -17.36
C ARG A 628 4.19 29.66 -17.21
N TYR A 629 3.03 29.10 -16.85
CA TYR A 629 2.78 27.66 -16.83
C TYR A 629 1.52 27.36 -17.64
N THR A 630 1.45 27.91 -18.86
CA THR A 630 0.22 27.83 -19.66
C THR A 630 -0.25 26.41 -19.85
N GLY A 631 0.68 25.47 -20.03
CA GLY A 631 0.30 24.08 -20.21
C GLY A 631 -0.49 23.53 -19.03
N ILE A 632 -0.11 23.92 -17.82
CA ILE A 632 -0.78 23.41 -16.62
C ILE A 632 -2.24 23.88 -16.59
N ASN A 633 -2.47 25.17 -16.85
CA ASN A 633 -3.84 25.67 -16.82
C ASN A 633 -4.67 25.10 -17.96
N GLN A 634 -4.07 24.95 -19.14
CA GLN A 634 -4.78 24.33 -20.25
C GLN A 634 -5.14 22.88 -19.93
N PHE A 635 -4.23 22.16 -19.28
CA PHE A 635 -4.52 20.79 -18.87
C PHE A 635 -5.65 20.74 -17.85
N MET A 636 -5.65 21.66 -16.88
CA MET A 636 -6.72 21.70 -15.91
C MET A 636 -8.07 21.93 -16.59
N THR A 637 -8.12 22.91 -17.49
CA THR A 637 -9.39 23.20 -18.19
C THR A 637 -9.84 22.00 -19.02
N GLU A 638 -8.90 21.37 -19.74
CA GLU A 638 -9.25 20.22 -20.56
C GLU A 638 -9.76 19.06 -19.71
N THR A 639 -9.11 18.80 -18.58
CA THR A 639 -9.54 17.70 -17.72
C THR A 639 -10.93 17.97 -17.14
N VAL A 640 -11.18 19.20 -16.68
CA VAL A 640 -12.49 19.52 -16.14
C VAL A 640 -13.56 19.39 -17.22
N LYS A 641 -13.28 19.89 -18.42
CA LYS A 641 -14.26 19.79 -19.50
C LYS A 641 -14.53 18.33 -19.89
N ASN A 642 -13.48 17.51 -19.96
CA ASN A 642 -13.67 16.11 -20.30
C ASN A 642 -14.46 15.37 -19.23
N CYS A 643 -14.19 15.67 -17.95
CA CYS A 643 -14.95 15.04 -16.89
C CYS A 643 -16.41 15.48 -16.91
N LYS A 644 -16.66 16.75 -17.26
CA LYS A 644 -18.03 17.22 -17.42
C LYS A 644 -18.73 16.48 -18.55
N ARG A 645 -18.03 16.29 -19.68
CA ARG A 645 -18.66 15.64 -20.83
C ARG A 645 -18.93 14.16 -20.58
N ASP A 646 -17.96 13.45 -20.01
CA ASP A 646 -18.04 12.00 -19.87
C ASP A 646 -18.55 11.55 -18.51
N GLY A 647 -18.13 12.20 -17.44
CA GLY A 647 -18.47 11.78 -16.10
C GLY A 647 -17.43 10.93 -15.40
N PHE A 648 -16.25 10.76 -16.00
CA PHE A 648 -15.19 9.96 -15.40
C PHE A 648 -13.86 10.45 -15.93
N VAL A 649 -12.83 10.36 -15.09
CA VAL A 649 -11.47 10.73 -15.45
C VAL A 649 -10.65 9.46 -15.62
N GLN A 650 -9.86 9.41 -16.68
CA GLN A 650 -9.16 8.21 -17.10
C GLN A 650 -7.67 8.34 -16.81
N THR A 651 -7.11 7.31 -16.16
CA THR A 651 -5.68 7.26 -15.88
C THR A 651 -4.91 6.98 -17.17
N ILE A 652 -3.58 7.20 -17.10
CA ILE A 652 -2.73 7.01 -18.27
C ILE A 652 -2.72 5.55 -18.72
N LEU A 653 -3.04 4.60 -17.83
CA LEU A 653 -3.07 3.20 -18.19
C LEU A 653 -4.43 2.77 -18.72
N GLY A 654 -5.51 3.32 -18.19
CA GLY A 654 -6.84 2.98 -18.65
C GLY A 654 -7.88 2.92 -17.55
N ARG A 655 -7.44 2.78 -16.30
CA ARG A 655 -8.36 2.75 -15.18
C ARG A 655 -9.07 4.10 -15.05
N ARG A 656 -10.38 4.06 -14.83
CA ARG A 656 -11.18 5.26 -14.77
C ARG A 656 -11.94 5.32 -13.45
N ARG A 657 -12.15 6.54 -12.97
CA ARG A 657 -12.85 6.80 -11.72
C ARG A 657 -14.04 7.72 -12.00
N TYR A 658 -15.18 7.41 -11.38
CA TYR A 658 -16.42 8.13 -11.63
C TYR A 658 -16.62 9.22 -10.59
N LEU A 659 -16.91 10.44 -11.06
CA LEU A 659 -17.08 11.60 -10.19
C LEU A 659 -18.39 12.30 -10.54
N PRO A 660 -19.52 11.78 -10.05
CA PRO A 660 -20.79 12.48 -10.27
C PRO A 660 -20.83 13.87 -9.67
N GLY A 661 -20.08 14.10 -8.58
CA GLY A 661 -20.07 15.39 -7.91
C GLY A 661 -19.65 16.55 -8.78
N ILE A 662 -19.16 16.29 -9.99
CA ILE A 662 -18.88 17.37 -10.93
C ILE A 662 -20.15 18.14 -11.27
N LYS A 663 -21.30 17.45 -11.28
CA LYS A 663 -22.57 18.08 -11.61
C LYS A 663 -23.40 18.35 -10.36
N ASP A 664 -22.77 18.74 -9.26
CA ASP A 664 -23.46 18.96 -7.99
C ASP A 664 -24.17 20.30 -7.92
N ASN A 665 -23.88 21.22 -8.84
CA ASN A 665 -24.54 22.52 -8.94
C ASN A 665 -24.21 23.43 -7.75
N ASN A 666 -23.41 22.94 -6.81
CA ASN A 666 -22.94 23.71 -5.67
C ASN A 666 -21.48 24.09 -5.87
N PRO A 667 -21.13 25.37 -5.76
CA PRO A 667 -19.74 25.78 -6.05
C PRO A 667 -18.71 25.06 -5.19
N TYR A 668 -18.99 24.85 -3.90
CA TYR A 668 -18.04 24.17 -3.04
C TYR A 668 -17.80 22.74 -3.49
N ARG A 669 -18.89 21.98 -3.66
CA ARG A 669 -18.74 20.58 -4.03
C ARG A 669 -18.28 20.43 -5.48
N LYS A 670 -18.68 21.34 -6.37
CA LYS A 670 -18.17 21.29 -7.74
C LYS A 670 -16.67 21.53 -7.77
N ALA A 671 -16.18 22.51 -7.01
CA ALA A 671 -14.75 22.75 -6.93
C ALA A 671 -14.04 21.56 -6.31
N HIS A 672 -14.63 20.95 -5.29
CA HIS A 672 -14.04 19.76 -4.68
C HIS A 672 -13.92 18.62 -5.68
N ALA A 673 -14.96 18.41 -6.48
CA ALA A 673 -14.92 17.34 -7.48
C ALA A 673 -13.90 17.63 -8.57
N GLU A 674 -13.79 18.89 -8.99
CA GLU A 674 -12.76 19.24 -9.97
C GLU A 674 -11.36 19.00 -9.41
N ARG A 675 -11.15 19.36 -8.15
CA ARG A 675 -9.87 19.11 -7.49
C ARG A 675 -9.59 17.62 -7.41
N GLN A 676 -10.62 16.83 -7.08
CA GLN A 676 -10.46 15.38 -7.03
C GLN A 676 -10.05 14.84 -8.39
N ALA A 677 -10.68 15.32 -9.47
CA ALA A 677 -10.34 14.84 -10.80
C ALA A 677 -8.90 15.17 -11.16
N ILE A 678 -8.49 16.43 -10.91
CA ILE A 678 -7.14 16.85 -11.26
C ILE A 678 -6.11 16.05 -10.46
N ASN A 679 -6.39 15.82 -9.17
CA ASN A 679 -5.45 15.05 -8.35
C ASN A 679 -5.41 13.60 -8.79
N THR A 680 -6.56 13.01 -9.12
CA THR A 680 -6.62 11.59 -9.46
C THR A 680 -5.89 11.31 -10.76
N ILE A 681 -6.13 12.12 -11.80
CA ILE A 681 -5.53 11.86 -13.10
C ILE A 681 -4.01 11.82 -13.05
N VAL A 682 -3.40 12.31 -11.97
CA VAL A 682 -1.95 12.28 -11.80
C VAL A 682 -1.53 11.24 -10.78
N GLN A 683 -2.26 11.14 -9.65
CA GLN A 683 -1.87 10.20 -8.60
C GLN A 683 -2.05 8.76 -9.05
N GLY A 684 -3.14 8.48 -9.78
CA GLY A 684 -3.31 7.14 -10.33
C GLY A 684 -2.24 6.79 -11.34
N SER A 685 -1.83 7.76 -12.16
CA SER A 685 -0.75 7.51 -13.11
C SER A 685 0.55 7.20 -12.39
N ALA A 686 0.86 7.95 -11.32
CA ALA A 686 2.04 7.66 -10.54
C ALA A 686 1.99 6.27 -9.92
N ALA A 687 0.83 5.90 -9.38
CA ALA A 687 0.69 4.57 -8.79
C ALA A 687 0.87 3.48 -9.84
N ASP A 688 0.32 3.67 -11.04
CA ASP A 688 0.47 2.68 -12.09
C ASP A 688 1.91 2.55 -12.56
N ILE A 689 2.61 3.68 -12.66
CA ILE A 689 4.02 3.63 -13.04
C ILE A 689 4.84 2.89 -11.99
N VAL A 690 4.55 3.14 -10.72
CA VAL A 690 5.26 2.44 -9.65
C VAL A 690 4.96 0.94 -9.70
N LYS A 691 3.71 0.58 -9.99
CA LYS A 691 3.37 -0.85 -10.11
C LYS A 691 4.10 -1.50 -11.28
N ILE A 692 4.17 -0.81 -12.42
CA ILE A 692 4.90 -1.34 -13.57
C ILE A 692 6.37 -1.55 -13.21
N ALA A 693 6.97 -0.56 -12.54
CA ALA A 693 8.36 -0.69 -12.12
C ALA A 693 8.53 -1.87 -11.17
N THR A 694 7.60 -2.04 -10.23
CA THR A 694 7.69 -3.13 -9.27
C THR A 694 7.66 -4.49 -9.97
N VAL A 695 6.70 -4.68 -10.88
CA VAL A 695 6.59 -5.99 -11.53
C VAL A 695 7.78 -6.25 -12.45
N ASN A 696 8.26 -5.22 -13.14
CA ASN A 696 9.44 -5.40 -14.00
C ASN A 696 10.66 -5.75 -13.18
N ILE A 697 10.87 -5.07 -12.05
CA ILE A 697 12.00 -5.41 -11.18
C ILE A 697 11.88 -6.83 -10.65
N GLN A 698 10.67 -7.24 -10.29
CA GLN A 698 10.48 -8.58 -9.77
C GLN A 698 10.81 -9.62 -10.84
N LYS A 699 10.36 -9.39 -12.08
CA LYS A 699 10.73 -10.32 -13.16
C LYS A 699 12.23 -10.35 -13.37
N GLN A 700 12.88 -9.19 -13.36
CA GLN A 700 14.30 -9.12 -13.66
C GLN A 700 15.15 -9.79 -12.59
N LEU A 701 14.75 -9.66 -11.32
CA LEU A 701 15.50 -10.31 -10.26
C LEU A 701 15.00 -11.71 -9.94
N GLU A 702 13.93 -12.16 -10.59
CA GLU A 702 13.53 -13.55 -10.49
C GLU A 702 14.12 -14.40 -11.60
N THR A 703 14.35 -13.82 -12.78
CA THR A 703 15.06 -14.57 -13.82
C THR A 703 16.54 -14.71 -13.51
N PHE A 704 17.08 -13.88 -12.63
CA PHE A 704 18.44 -14.00 -12.12
C PHE A 704 18.39 -14.49 -10.68
N HIS A 705 19.57 -14.60 -10.06
CA HIS A 705 19.68 -14.86 -8.62
C HIS A 705 18.91 -16.12 -8.22
N SER A 706 19.39 -17.26 -8.71
CA SER A 706 18.73 -18.53 -8.44
C SER A 706 18.75 -18.84 -6.95
N THR A 707 17.61 -18.66 -6.30
CA THR A 707 17.44 -18.84 -4.85
C THR A 707 15.95 -18.76 -4.55
N PHE A 708 15.61 -18.76 -3.26
CA PHE A 708 14.23 -18.58 -2.85
C PHE A 708 13.74 -17.19 -3.23
N LYS A 709 12.48 -17.11 -3.67
CA LYS A 709 11.92 -15.85 -4.14
C LYS A 709 11.61 -14.87 -3.02
N SER A 710 11.49 -15.35 -1.79
CA SER A 710 11.14 -14.49 -0.66
C SER A 710 11.54 -15.18 0.63
N HIS A 711 11.49 -14.42 1.72
CA HIS A 711 11.80 -14.98 3.04
C HIS A 711 10.81 -16.07 3.45
N GLY A 712 9.62 -16.08 2.85
CA GLY A 712 8.67 -17.13 3.17
C GLY A 712 8.92 -18.42 2.41
N HIS A 713 9.56 -18.33 1.25
CA HIS A 713 9.84 -19.53 0.47
C HIS A 713 10.94 -20.38 1.11
N ARG A 714 11.87 -19.76 1.84
CA ARG A 714 12.90 -20.53 2.53
C ARG A 714 12.36 -21.20 3.78
N GLU A 715 11.13 -20.92 4.19
CA GLU A 715 10.51 -21.67 5.26
C GLU A 715 10.25 -23.11 4.84
N GLY A 716 10.04 -23.34 3.54
CA GLY A 716 9.81 -24.67 3.02
C GLY A 716 11.08 -25.48 2.91
N MET A 717 11.73 -25.75 4.04
CA MET A 717 12.93 -26.57 4.07
C MET A 717 13.13 -27.19 5.45
N CYS A 736 21.78 -22.20 3.48
CA CYS A 736 22.16 -21.44 2.30
C CYS A 736 22.25 -19.95 2.61
N PRO A 737 23.33 -19.31 2.15
CA PRO A 737 23.47 -17.87 2.37
C PRO A 737 22.33 -17.09 1.72
N ILE A 738 21.92 -16.02 2.39
CA ILE A 738 20.79 -15.21 1.94
C ILE A 738 21.31 -14.21 0.89
N ARG A 739 20.91 -14.40 -0.35
CA ARG A 739 21.30 -13.52 -1.45
C ARG A 739 20.08 -13.30 -2.33
N GLY A 740 19.74 -12.04 -2.59
CA GLY A 740 18.61 -11.75 -3.44
C GLY A 740 18.25 -10.28 -3.41
N GLY A 741 17.11 -9.99 -4.04
CA GLY A 741 16.61 -8.63 -4.18
C GLY A 741 15.26 -8.42 -3.52
N PHE A 742 15.11 -8.92 -2.29
CA PHE A 742 13.82 -8.93 -1.62
C PHE A 742 13.21 -7.53 -1.53
N PHE A 743 11.88 -7.48 -1.62
CA PHE A 743 11.10 -6.25 -1.66
C PHE A 743 10.32 -6.14 -0.36
N ILE A 744 10.48 -5.02 0.35
CA ILE A 744 9.99 -4.97 1.72
C ILE A 744 8.92 -3.90 1.94
N LEU A 745 8.97 -2.80 1.19
CA LEU A 745 8.03 -1.72 1.47
C LEU A 745 7.88 -0.83 0.24
N GLN A 746 6.71 -0.21 0.11
CA GLN A 746 6.43 0.78 -0.92
C GLN A 746 5.85 2.02 -0.27
N LEU A 747 6.45 3.18 -0.58
CA LEU A 747 6.06 4.45 0.03
C LEU A 747 5.38 5.39 -0.97
N HIS A 748 4.66 4.81 -1.93
CA HIS A 748 3.87 5.54 -2.93
C HIS A 748 4.76 6.23 -3.95
N ASP A 749 6.06 6.28 -3.68
CA ASP A 749 7.04 6.76 -4.65
C ASP A 749 8.36 6.00 -4.61
N GLU A 750 8.54 5.08 -3.67
CA GLU A 750 9.82 4.41 -3.48
C GLU A 750 9.59 2.92 -3.37
N LEU A 751 10.66 2.16 -3.59
CA LEU A 751 10.63 0.70 -3.54
C LEU A 751 11.80 0.26 -2.67
N LEU A 752 11.54 0.03 -1.38
CA LEU A 752 12.59 -0.41 -0.48
C LEU A 752 12.91 -1.88 -0.73
N TYR A 753 14.19 -2.17 -0.95
CA TYR A 753 14.66 -3.52 -1.22
C TYR A 753 15.72 -3.91 -0.20
N GLU A 754 15.64 -5.14 0.28
CA GLU A 754 16.54 -5.66 1.31
C GLU A 754 17.56 -6.57 0.62
N VAL A 755 18.70 -5.99 0.26
CA VAL A 755 19.71 -6.66 -0.56
C VAL A 755 20.95 -6.92 0.29
N ALA A 756 21.48 -8.13 0.18
CA ALA A 756 22.75 -8.46 0.82
C ALA A 756 23.90 -7.76 0.10
N GLU A 757 25.04 -7.64 0.81
CA GLU A 757 26.14 -6.87 0.25
C GLU A 757 26.99 -7.74 -0.69
N GLU A 758 26.32 -8.46 -1.58
CA GLU A 758 26.98 -9.16 -2.68
C GLU A 758 26.27 -8.99 -4.01
N ASP A 759 24.97 -8.67 -4.00
CA ASP A 759 24.22 -8.38 -5.21
C ASP A 759 23.87 -6.91 -5.35
N VAL A 760 24.24 -6.08 -4.37
CA VAL A 760 23.86 -4.67 -4.38
C VAL A 760 24.33 -4.01 -5.66
N VAL A 761 25.61 -4.16 -5.99
CA VAL A 761 26.18 -3.54 -7.18
C VAL A 761 25.40 -3.97 -8.42
N GLN A 762 24.86 -5.20 -8.41
CA GLN A 762 23.99 -5.62 -9.49
C GLN A 762 22.58 -5.07 -9.30
N VAL A 763 22.01 -5.27 -8.10
CA VAL A 763 20.61 -4.91 -7.88
C VAL A 763 20.41 -3.41 -8.03
N ALA A 764 21.32 -2.61 -7.46
CA ALA A 764 21.23 -1.17 -7.59
C ALA A 764 21.26 -0.73 -9.04
N GLN A 765 21.78 -1.56 -9.93
CA GLN A 765 21.64 -1.29 -11.36
C GLN A 765 20.29 -1.77 -11.87
N ILE A 766 19.96 -3.04 -11.57
CA ILE A 766 18.75 -3.66 -12.13
C ILE A 766 17.52 -2.86 -11.73
N VAL A 767 17.46 -2.39 -10.50
CA VAL A 767 16.37 -1.52 -10.08
C VAL A 767 16.42 -0.21 -10.85
N LYS A 768 17.58 0.47 -10.82
CA LYS A 768 17.66 1.83 -11.37
C LYS A 768 17.36 1.84 -12.85
N ASN A 769 17.79 0.81 -13.57
CA ASN A 769 17.42 0.68 -14.97
C ASN A 769 15.92 0.45 -15.13
N GLU A 770 15.38 -0.52 -14.39
CA GLU A 770 14.00 -0.94 -14.64
C GLU A 770 12.99 0.11 -14.19
N MET A 771 13.33 0.92 -13.19
CA MET A 771 12.46 2.02 -12.83
C MET A 771 12.49 3.13 -13.88
N GLU A 772 13.57 3.23 -14.66
CA GLU A 772 13.68 4.29 -15.66
C GLU A 772 12.97 3.93 -16.96
N SER A 773 12.83 2.65 -17.27
CA SER A 773 12.21 2.20 -18.50
C SER A 773 10.78 1.72 -18.30
N ALA A 774 10.16 2.04 -17.16
CA ALA A 774 8.82 1.53 -16.88
C ALA A 774 7.80 2.04 -17.90
N VAL A 775 7.75 3.34 -18.11
CA VAL A 775 6.82 3.95 -19.05
C VAL A 775 7.59 4.96 -19.91
N LYS A 776 7.35 4.91 -21.23
CA LYS A 776 7.94 5.86 -22.15
C LYS A 776 7.19 7.18 -22.04
N LEU A 777 7.79 8.16 -21.38
CA LEU A 777 7.22 9.48 -21.23
C LEU A 777 8.04 10.49 -22.02
N SER A 778 7.43 11.63 -22.32
CA SER A 778 8.16 12.72 -22.97
C SER A 778 9.30 13.20 -22.08
N VAL A 779 9.05 13.31 -20.78
CA VAL A 779 10.06 13.72 -19.81
C VAL A 779 10.74 12.48 -19.26
N LYS A 780 12.07 12.48 -19.25
CA LYS A 780 12.81 11.34 -18.73
C LYS A 780 12.55 11.17 -17.23
N LEU A 781 12.53 9.92 -16.80
CA LEU A 781 12.30 9.59 -15.39
C LEU A 781 13.63 9.55 -14.66
N LYS A 782 13.68 10.17 -13.48
CA LYS A 782 14.87 10.22 -12.66
C LYS A 782 14.69 9.30 -11.45
N VAL A 783 15.70 8.48 -11.18
CA VAL A 783 15.69 7.57 -10.04
C VAL A 783 16.89 7.88 -9.16
N LYS A 784 16.66 8.04 -7.87
CA LYS A 784 17.73 8.33 -6.92
C LYS A 784 17.89 7.13 -5.99
N VAL A 785 18.74 6.19 -6.39
CA VAL A 785 18.99 5.00 -5.58
C VAL A 785 19.88 5.39 -4.41
N LYS A 786 19.44 5.01 -3.21
CA LYS A 786 20.16 5.29 -1.97
C LYS A 786 20.35 4.01 -1.19
N ILE A 787 21.58 3.80 -0.72
CA ILE A 787 21.97 2.57 -0.05
C ILE A 787 22.27 2.89 1.40
N GLY A 788 21.95 1.97 2.29
CA GLY A 788 22.26 2.20 3.70
C GLY A 788 22.14 0.94 4.51
N ALA A 789 22.68 1.02 5.73
CA ALA A 789 22.53 -0.07 6.69
C ALA A 789 21.20 0.00 7.44
N SER A 790 20.44 1.08 7.27
CA SER A 790 19.15 1.22 7.92
C SER A 790 18.33 2.24 7.15
N TRP A 791 17.02 2.25 7.42
CA TRP A 791 16.13 3.21 6.79
C TRP A 791 16.38 4.64 7.27
N GLY A 792 17.14 4.82 8.34
CA GLY A 792 17.42 6.15 8.84
C GLY A 792 18.61 6.82 8.15
N GLU A 793 19.74 6.10 8.06
CA GLU A 793 20.95 6.64 7.46
C GLU A 793 21.11 6.04 6.06
N LEU A 794 20.44 6.65 5.09
CA LEU A 794 20.53 6.25 3.70
C LEU A 794 21.41 7.24 2.96
N LYS A 795 22.58 6.79 2.49
CA LYS A 795 23.48 7.64 1.75
C LYS A 795 23.37 7.33 0.26
N ASP A 796 23.57 8.36 -0.55
CA ASP A 796 23.41 8.22 -2.00
C ASP A 796 24.43 7.24 -2.57
N PHE A 797 24.02 6.52 -3.60
CA PHE A 797 24.85 5.53 -4.25
C PHE A 797 25.30 6.07 -5.61
N ASP A 798 26.59 5.86 -5.94
CA ASP A 798 27.16 6.44 -7.14
C ASP A 798 26.47 5.92 -8.40
N VAL A 799 26.21 4.62 -8.47
CA VAL A 799 25.59 4.02 -9.64
C VAL A 799 24.28 3.35 -9.27
#